data_9LTA
#
_entry.id   9LTA
#
_cell.length_a   46.643
_cell.length_b   156.917
_cell.length_c   49.727
_cell.angle_alpha   90.00
_cell.angle_beta   90.49
_cell.angle_gamma   90.00
#
_symmetry.space_group_name_H-M   'P 1 21 1'
#
loop_
_entity.id
_entity.type
_entity.pdbx_description
1 polymer 'Mitogen-activated protein kinase 7'
2 non-polymer 4-[5-chloranyl-2-[[3-[(dimethylamino)methyl]phenyl]amino]pyrimidin-4-yl]-~{N}-morpholin-4-yl-thiophene-2-carboxamide
3 water water
#
_entity_poly.entity_id   1
_entity_poly.type   'polypeptide(L)'
_entity_poly.pdbx_seq_one_letter_code
;TFDVGDEYEIIETIGNGAYGVVSSRRRRLTGQQVAIKKIPNAFDVVTNAKRTLRELKILKHFKHDNIIAIKDILRPTVPY
GEFKSVYVVLDLMESDLHQIIHSSQPLTLEHVRYFLYQLLRGLKYMHSAQVIHRDLKPSNLLVNENCELKIGDFGMARGL
CTSPAEHQYFMTEYVATRWYRAPELMLSLHEYTQAIDLWSVGCIFGEMLARRQLFPGKNYVHQLQLIMMVLGTPSPAVIQ
AVGAERVRAYIQSLPPRQPVPWETVYPGADRQALSLLGRMLRFEPSARISAAAALRHPFLAKYHDPDDEPDCAPPFDFAF
DREALTRERIKEAIVAEIEDFHARRE
;
_entity_poly.pdbx_strand_id   B,A
#
# COMPACT_ATOMS: atom_id res chain seq x y z
N ASP A 3 10.09 37.15 9.43
CA ASP A 3 9.29 36.01 9.82
C ASP A 3 9.83 34.71 9.22
N VAL A 4 9.83 34.60 7.88
CA VAL A 4 10.14 33.34 7.20
C VAL A 4 11.57 33.31 6.65
N GLY A 5 12.41 34.27 7.02
CA GLY A 5 13.75 34.33 6.46
C GLY A 5 13.72 34.58 4.96
N ASP A 6 14.89 34.39 4.33
CA ASP A 6 15.01 34.67 2.90
C ASP A 6 14.49 33.55 2.01
N GLU A 7 14.43 32.31 2.52
CA GLU A 7 14.10 31.16 1.68
C GLU A 7 12.61 30.98 1.40
N TYR A 8 11.72 31.78 1.99
CA TYR A 8 10.30 31.64 1.67
C TYR A 8 9.69 32.99 1.32
N GLU A 9 8.47 32.95 0.80
CA GLU A 9 7.69 34.12 0.45
C GLU A 9 6.26 33.89 0.89
N ILE A 10 5.68 34.87 1.58
CA ILE A 10 4.34 34.71 2.14
C ILE A 10 3.30 34.98 1.06
N ILE A 11 2.18 34.27 1.16
CA ILE A 11 1.12 34.37 0.16
C ILE A 11 -0.14 34.98 0.78
N GLU A 12 -0.84 34.21 1.61
CA GLU A 12 -2.04 34.69 2.28
C GLU A 12 -2.15 34.04 3.66
N THR A 13 -2.86 34.70 4.56
CA THR A 13 -3.10 34.11 5.87
C THR A 13 -4.28 33.15 5.82
N ILE A 14 -4.14 31.99 6.48
CA ILE A 14 -5.19 30.97 6.50
C ILE A 14 -5.89 30.94 7.85
N GLY A 15 -5.16 31.29 8.91
CA GLY A 15 -5.75 31.35 10.23
C GLY A 15 -4.91 32.16 11.18
N ASN A 16 -5.57 32.83 12.12
CA ASN A 16 -4.86 33.70 13.05
C ASN A 16 -5.22 33.52 14.52
N GLY A 17 -6.37 32.95 14.85
CA GLY A 17 -6.76 32.82 16.23
C GLY A 17 -5.85 31.88 16.98
N ALA A 18 -6.11 31.74 18.28
CA ALA A 18 -5.31 30.87 19.12
C ALA A 18 -3.85 31.31 19.12
N TYR A 19 -2.99 30.54 19.78
CA TYR A 19 -1.56 30.83 19.85
C TYR A 19 -0.79 30.46 18.58
N GLY A 20 -1.35 30.65 17.39
CA GLY A 20 -0.58 30.44 16.18
C GLY A 20 -1.14 31.19 15.00
N VAL A 21 -0.25 31.64 14.12
CA VAL A 21 -0.60 32.19 12.82
C VAL A 21 -0.26 31.15 11.77
N VAL A 22 -1.19 30.89 10.85
CA VAL A 22 -0.95 29.96 9.75
C VAL A 22 -1.05 30.72 8.44
N SER A 23 0.06 30.85 7.72
CA SER A 23 0.09 31.51 6.42
C SER A 23 0.51 30.49 5.36
N SER A 24 0.10 30.72 4.12
CA SER A 24 0.55 29.94 2.99
C SER A 24 1.73 30.64 2.35
N ARG A 25 2.71 29.86 1.90
CA ARG A 25 3.93 30.44 1.39
C ARG A 25 4.47 29.62 0.23
N ARG A 26 5.56 30.11 -0.33
CA ARG A 26 6.27 29.46 -1.41
C ARG A 26 7.76 29.44 -1.06
N ARG A 27 8.39 28.27 -1.21
CA ARG A 27 9.84 28.22 -1.13
C ARG A 27 10.41 28.94 -2.35
N ARG A 28 11.33 29.88 -2.11
CA ARG A 28 11.76 30.75 -3.20
C ARG A 28 12.53 29.99 -4.28
N LEU A 29 13.31 28.98 -3.89
CA LEU A 29 14.20 28.31 -4.81
C LEU A 29 13.48 27.25 -5.62
N THR A 30 12.53 26.56 -4.99
CA THR A 30 11.86 25.43 -5.61
C THR A 30 10.48 25.80 -6.15
N GLY A 31 9.82 26.79 -5.55
CA GLY A 31 8.47 27.12 -5.93
C GLY A 31 7.39 26.30 -5.27
N GLN A 32 7.76 25.25 -4.54
CA GLN A 32 6.74 24.45 -3.86
C GLN A 32 5.99 25.33 -2.86
N GLN A 33 4.68 25.21 -2.85
CA GLN A 33 3.87 25.91 -1.88
C GLN A 33 3.74 25.06 -0.61
N VAL A 34 3.70 25.76 0.52
CA VAL A 34 3.66 25.15 1.85
C VAL A 34 2.79 25.99 2.75
N ALA A 35 2.60 25.53 3.99
CA ALA A 35 2.04 26.32 5.07
C ALA A 35 3.12 26.61 6.10
N ILE A 36 3.15 27.83 6.62
CA ILE A 36 4.05 28.24 7.68
C ILE A 36 3.21 28.56 8.91
N LYS A 37 3.46 27.85 10.01
CA LYS A 37 2.79 28.06 11.29
C LYS A 37 3.75 28.75 12.25
N LYS A 38 3.43 29.98 12.63
CA LYS A 38 4.13 30.66 13.70
C LYS A 38 3.48 30.34 15.03
N ILE A 39 4.28 29.85 15.97
CA ILE A 39 3.87 29.60 17.35
C ILE A 39 4.57 30.66 18.18
N PRO A 40 3.87 31.74 18.53
CA PRO A 40 4.48 32.81 19.32
C PRO A 40 4.54 32.43 20.79
N ASN A 41 5.46 33.09 21.50
CA ASN A 41 5.59 32.91 22.94
C ASN A 41 5.50 31.43 23.30
N ALA A 42 6.18 30.60 22.51
CA ALA A 42 5.99 29.17 22.56
C ALA A 42 6.54 28.55 23.84
N PHE A 43 7.34 29.27 24.61
CA PHE A 43 7.93 28.73 25.82
C PHE A 43 7.35 29.32 27.09
N ASP A 44 6.33 30.19 26.98
CA ASP A 44 5.82 30.84 28.18
C ASP A 44 4.97 29.90 29.01
N VAL A 45 4.00 29.24 28.39
CA VAL A 45 3.00 28.45 29.10
C VAL A 45 3.45 27.00 29.09
N VAL A 46 3.96 26.50 30.22
CA VAL A 46 4.54 25.17 30.29
C VAL A 46 3.69 24.12 29.56
N THR A 47 2.37 24.19 29.72
CA THR A 47 1.50 23.23 29.04
C THR A 47 1.57 23.41 27.53
N ASN A 48 1.58 24.67 27.06
CA ASN A 48 1.75 24.92 25.63
C ASN A 48 3.06 24.36 25.13
N ALA A 49 4.18 24.66 25.80
CA ALA A 49 5.45 24.17 25.31
C ALA A 49 5.50 22.65 25.33
N LYS A 50 4.94 22.05 26.38
CA LYS A 50 4.83 20.59 26.40
C LYS A 50 4.07 20.08 25.17
N ARG A 51 2.92 20.70 24.86
CA ARG A 51 2.13 20.25 23.72
C ARG A 51 2.91 20.40 22.43
N THR A 52 3.61 21.53 22.26
CA THR A 52 4.40 21.78 21.08
C THR A 52 5.47 20.72 20.89
N LEU A 53 6.28 20.47 21.93
CA LEU A 53 7.29 19.41 21.84
C LEU A 53 6.64 18.09 21.45
N ARG A 54 5.51 17.78 22.07
CA ARG A 54 4.74 16.58 21.75
C ARG A 54 4.41 16.52 20.26
N GLU A 55 3.91 17.63 19.72
CA GLU A 55 3.49 17.69 18.33
C GLU A 55 4.67 17.51 17.40
N LEU A 56 5.76 18.22 17.68
CA LEU A 56 6.94 18.10 16.83
C LEU A 56 7.42 16.67 16.78
N LYS A 57 7.48 15.99 17.93
CA LYS A 57 7.97 14.61 17.93
C LYS A 57 7.02 13.68 17.20
N ILE A 58 5.71 13.80 17.44
CA ILE A 58 4.75 12.94 16.75
C ILE A 58 4.90 13.10 15.23
N LEU A 59 4.96 14.35 14.76
CA LEU A 59 5.05 14.60 13.32
C LEU A 59 6.36 14.11 12.74
N LYS A 60 7.47 14.32 13.46
CA LYS A 60 8.75 13.81 12.95
C LYS A 60 8.75 12.29 12.92
N HIS A 61 7.96 11.64 13.78
CA HIS A 61 7.94 10.18 13.80
C HIS A 61 7.18 9.61 12.60
N PHE A 62 6.05 10.20 12.24
CA PHE A 62 5.21 9.67 11.18
C PHE A 62 5.71 10.07 9.79
N LYS A 63 5.68 9.12 8.86
CA LYS A 63 5.96 9.34 7.44
C LYS A 63 4.84 8.65 6.68
N HIS A 64 3.77 9.38 6.39
CA HIS A 64 2.58 8.73 5.86
C HIS A 64 1.76 9.75 5.08
N ASP A 65 1.30 9.34 3.89
CA ASP A 65 0.67 10.29 2.97
C ASP A 65 -0.63 10.88 3.53
N ASN A 66 -1.32 10.20 4.45
CA ASN A 66 -2.53 10.74 5.06
C ASN A 66 -2.27 11.42 6.41
N ILE A 67 -1.02 11.79 6.69
CA ILE A 67 -0.67 12.49 7.93
C ILE A 67 0.21 13.68 7.55
N ILE A 68 -0.22 14.88 7.94
CA ILE A 68 0.55 16.08 7.61
C ILE A 68 2.00 15.88 7.99
N ALA A 69 2.89 16.36 7.13
CA ALA A 69 4.32 16.21 7.31
C ALA A 69 4.96 17.56 7.59
N ILE A 70 6.01 17.55 8.40
CA ILE A 70 6.83 18.73 8.59
C ILE A 70 7.87 18.72 7.49
N LYS A 71 7.89 19.78 6.69
CA LYS A 71 8.86 19.94 5.62
C LYS A 71 10.03 20.84 5.99
N ASP A 72 9.84 21.73 6.96
CA ASP A 72 10.96 22.54 7.46
C ASP A 72 10.59 23.14 8.80
N ILE A 73 11.63 23.41 9.61
CA ILE A 73 11.51 24.08 10.89
C ILE A 73 12.58 25.16 10.95
N LEU A 74 12.15 26.42 11.02
CA LEU A 74 13.08 27.53 10.97
C LEU A 74 14.03 27.50 12.15
N ARG A 75 15.31 27.63 11.88
CA ARG A 75 16.30 27.58 12.94
C ARG A 75 16.22 28.85 13.79
N PRO A 76 16.65 28.77 15.07
CA PRO A 76 16.60 29.96 15.93
C PRO A 76 17.46 31.09 15.38
N THR A 77 16.84 32.19 14.92
CA THR A 77 17.58 33.35 14.46
C THR A 77 17.89 34.38 15.55
N VAL A 78 17.68 34.03 16.82
CA VAL A 78 18.04 34.93 17.91
C VAL A 78 18.73 34.13 19.01
N PRO A 79 19.39 34.82 19.94
CA PRO A 79 20.04 34.13 21.05
C PRO A 79 19.05 33.20 21.73
N TYR A 80 19.58 32.08 22.22
CA TYR A 80 18.78 31.09 22.94
C TYR A 80 17.71 31.75 23.79
N GLY A 81 18.14 32.51 24.80
CA GLY A 81 17.22 33.13 25.73
C GLY A 81 16.22 34.06 25.07
N GLU A 82 16.57 34.60 23.91
CA GLU A 82 15.67 35.48 23.19
C GLU A 82 14.74 34.74 22.24
N PHE A 83 15.05 33.49 21.90
CA PHE A 83 14.24 32.68 20.99
C PHE A 83 12.83 32.42 21.53
N LYS A 84 11.81 33.02 20.91
CA LYS A 84 10.45 32.97 21.43
C LYS A 84 9.37 32.61 20.40
N SER A 85 9.62 32.74 19.10
CA SER A 85 8.67 32.32 18.07
C SER A 85 9.22 31.12 17.31
N VAL A 86 8.41 30.06 17.20
CA VAL A 86 8.78 28.85 16.45
C VAL A 86 8.02 28.84 15.13
N TYR A 87 8.73 28.60 14.03
CA TYR A 87 8.12 28.55 12.70
C TYR A 87 8.21 27.13 12.14
N VAL A 88 7.04 26.52 11.90
CA VAL A 88 6.96 25.15 11.39
C VAL A 88 6.36 25.19 9.98
N VAL A 89 7.08 24.66 8.99
CA VAL A 89 6.60 24.58 7.62
C VAL A 89 6.01 23.19 7.40
N LEU A 90 4.77 23.14 6.92
CA LEU A 90 3.99 21.93 6.75
C LEU A 90 3.41 21.85 5.34
N ASP A 91 2.87 20.69 5.02
CA ASP A 91 2.17 20.51 3.75
C ASP A 91 1.06 21.53 3.63
N LEU A 92 0.96 22.17 2.48
CA LEU A 92 -0.14 23.09 2.23
C LEU A 92 -1.30 22.28 1.69
N MET A 93 -2.44 22.39 2.35
CA MET A 93 -3.67 21.78 1.86
C MET A 93 -4.62 22.92 1.49
N GLU A 94 -5.64 22.58 0.72
CA GLU A 94 -6.48 23.63 0.19
C GLU A 94 -7.67 23.97 1.08
N SER A 95 -8.16 23.02 1.88
CA SER A 95 -9.34 23.28 2.70
C SER A 95 -9.28 22.35 3.91
N ASP A 96 -10.42 22.16 4.57
CA ASP A 96 -10.56 21.14 5.60
C ASP A 96 -11.94 20.53 5.49
N LEU A 97 -12.07 19.31 6.02
CA LEU A 97 -13.31 18.56 5.86
C LEU A 97 -14.51 19.37 6.36
N HIS A 98 -14.32 20.26 7.33
CA HIS A 98 -15.45 21.03 7.83
C HIS A 98 -16.03 21.91 6.73
N GLN A 99 -15.21 22.77 6.13
CA GLN A 99 -15.68 23.60 5.02
C GLN A 99 -16.39 22.75 3.98
N ILE A 100 -15.81 21.60 3.62
CA ILE A 100 -16.45 20.74 2.63
C ILE A 100 -17.85 20.36 3.07
N ILE A 101 -18.00 19.90 4.31
CA ILE A 101 -19.29 19.41 4.74
C ILE A 101 -20.29 20.55 4.85
N HIS A 102 -19.84 21.70 5.35
CA HIS A 102 -20.74 22.84 5.55
C HIS A 102 -20.46 23.95 4.55
N SER A 103 -20.61 23.66 3.27
CA SER A 103 -20.37 24.61 2.19
C SER A 103 -21.37 24.33 1.07
N SER A 104 -21.10 24.90 -0.11
CA SER A 104 -21.94 24.70 -1.27
C SER A 104 -21.33 23.73 -2.27
N GLN A 105 -20.30 22.97 -1.88
CA GLN A 105 -19.62 22.13 -2.84
C GLN A 105 -20.19 20.73 -2.85
N PRO A 106 -19.90 19.96 -3.91
CA PRO A 106 -20.38 18.57 -3.96
C PRO A 106 -19.81 17.74 -2.80
N LEU A 107 -20.64 16.82 -2.29
CA LEU A 107 -20.14 15.81 -1.35
C LEU A 107 -20.91 14.52 -1.60
N THR A 108 -20.51 13.80 -2.65
CA THR A 108 -21.22 12.59 -3.03
C THR A 108 -20.81 11.42 -2.14
N LEU A 109 -21.61 10.36 -2.19
CA LEU A 109 -21.27 9.13 -1.48
C LEU A 109 -19.87 8.65 -1.82
N GLU A 110 -19.40 8.92 -3.04
CA GLU A 110 -18.04 8.53 -3.42
C GLU A 110 -17.01 9.45 -2.76
N HIS A 111 -17.30 10.75 -2.70
CA HIS A 111 -16.48 11.65 -1.88
C HIS A 111 -16.35 11.09 -0.47
N VAL A 112 -17.49 10.75 0.13
CA VAL A 112 -17.52 10.28 1.50
C VAL A 112 -16.74 8.99 1.65
N ARG A 113 -16.86 8.11 0.65
CA ARG A 113 -16.15 6.83 0.69
C ARG A 113 -14.65 7.04 0.65
N TYR A 114 -14.17 7.90 -0.27
CA TYR A 114 -12.74 8.09 -0.42
C TYR A 114 -12.14 8.84 0.75
N PHE A 115 -12.86 9.85 1.24
CA PHE A 115 -12.42 10.56 2.44
C PHE A 115 -12.31 9.61 3.62
N LEU A 116 -13.35 8.80 3.84
CA LEU A 116 -13.30 7.83 4.94
C LEU A 116 -12.15 6.85 4.76
N TYR A 117 -11.93 6.39 3.53
CA TYR A 117 -10.84 5.46 3.28
C TYR A 117 -9.50 6.04 3.72
N GLN A 118 -9.19 7.26 3.28
CA GLN A 118 -7.91 7.87 3.64
C GLN A 118 -7.83 8.13 5.15
N LEU A 119 -8.95 8.52 5.77
CA LEU A 119 -8.94 8.72 7.22
C LEU A 119 -8.56 7.44 7.94
N LEU A 120 -9.21 6.33 7.58
CA LEU A 120 -8.93 5.05 8.25
C LEU A 120 -7.55 4.52 7.90
N ARG A 121 -6.99 4.91 6.74
CA ARG A 121 -5.65 4.46 6.38
C ARG A 121 -4.60 5.16 7.24
N GLY A 122 -4.70 6.50 7.33
CA GLY A 122 -3.90 7.22 8.30
C GLY A 122 -4.07 6.68 9.70
N LEU A 123 -5.30 6.39 10.10
CA LEU A 123 -5.55 5.94 11.47
C LEU A 123 -4.96 4.56 11.74
N LYS A 124 -4.98 3.67 10.76
CA LYS A 124 -4.32 2.37 10.92
C LYS A 124 -2.82 2.56 11.17
N TYR A 125 -2.17 3.35 10.31
CA TYR A 125 -0.75 3.59 10.51
C TYR A 125 -0.49 4.23 11.89
N MET A 126 -1.39 5.11 12.34
CA MET A 126 -1.12 5.85 13.56
C MET A 126 -1.34 4.99 14.81
N HIS A 127 -2.40 4.19 14.81
CA HIS A 127 -2.66 3.32 15.97
C HIS A 127 -1.61 2.22 16.06
N SER A 128 -1.04 1.78 14.93
CA SER A 128 0.01 0.78 15.03
C SER A 128 1.24 1.32 15.75
N ALA A 129 1.40 2.64 15.85
CA ALA A 129 2.48 3.24 16.64
C ALA A 129 2.06 3.57 18.09
N GLN A 130 0.96 3.01 18.57
CA GLN A 130 0.53 3.23 19.94
C GLN A 130 0.25 4.70 20.19
N VAL A 131 -0.35 5.36 19.19
CA VAL A 131 -0.70 6.78 19.30
C VAL A 131 -2.20 6.94 19.12
N ILE A 132 -2.84 7.57 20.08
CA ILE A 132 -4.26 7.90 20.02
C ILE A 132 -4.40 9.38 19.73
N HIS A 133 -5.20 9.74 18.72
CA HIS A 133 -5.34 11.15 18.37
C HIS A 133 -6.21 11.88 19.40
N ARG A 134 -7.35 11.30 19.76
CA ARG A 134 -8.20 11.77 20.86
C ARG A 134 -9.02 13.00 20.51
N ASP A 135 -8.63 13.74 19.46
CA ASP A 135 -9.29 15.01 19.14
C ASP A 135 -9.59 15.10 17.65
N LEU A 136 -10.14 14.04 17.07
CA LEU A 136 -10.48 14.05 15.65
C LEU A 136 -11.75 14.84 15.41
N LYS A 137 -11.80 15.54 14.27
CA LYS A 137 -12.96 16.33 13.88
C LYS A 137 -12.74 16.90 12.48
N PRO A 138 -13.81 17.25 11.76
CA PRO A 138 -13.63 17.71 10.38
C PRO A 138 -12.69 18.88 10.26
N SER A 139 -12.70 19.81 11.22
CA SER A 139 -11.77 20.92 11.19
C SER A 139 -10.32 20.44 11.29
N ASN A 140 -10.10 19.21 11.75
CA ASN A 140 -8.74 18.67 11.90
C ASN A 140 -8.31 17.79 10.72
N LEU A 141 -9.15 17.64 9.70
CA LEU A 141 -8.87 16.81 8.54
C LEU A 141 -8.68 17.73 7.35
N LEU A 142 -7.44 17.85 6.88
CA LEU A 142 -7.11 18.75 5.79
C LEU A 142 -7.23 18.04 4.43
N VAL A 143 -7.71 18.76 3.43
CA VAL A 143 -7.96 18.17 2.12
C VAL A 143 -7.56 19.16 1.03
N ASN A 144 -7.32 18.63 -0.17
CA ASN A 144 -6.98 19.46 -1.32
C ASN A 144 -7.94 19.19 -2.48
N GLU A 145 -7.65 19.81 -3.63
CA GLU A 145 -8.55 19.70 -4.78
C GLU A 145 -8.80 18.26 -5.15
N ASN A 146 -7.74 17.45 -5.22
CA ASN A 146 -7.86 16.07 -5.66
C ASN A 146 -8.63 15.19 -4.69
N CYS A 147 -9.14 15.74 -3.59
CA CYS A 147 -9.81 14.96 -2.56
C CYS A 147 -8.84 14.13 -1.73
N GLU A 148 -7.58 14.52 -1.68
CA GLU A 148 -6.63 13.91 -0.77
C GLU A 148 -6.87 14.43 0.65
N LEU A 149 -6.65 13.56 1.63
CA LEU A 149 -6.89 13.89 3.03
C LEU A 149 -5.63 13.64 3.86
N LYS A 150 -5.33 14.57 4.77
CA LYS A 150 -4.23 14.48 5.71
C LYS A 150 -4.71 14.80 7.11
N ILE A 151 -4.38 13.93 8.07
CA ILE A 151 -4.68 14.17 9.48
C ILE A 151 -3.63 15.11 10.06
N GLY A 152 -4.06 16.04 10.92
CA GLY A 152 -3.17 17.02 11.50
C GLY A 152 -3.31 17.22 12.99
N ASP A 153 -2.84 18.36 13.48
CA ASP A 153 -2.97 18.76 14.88
C ASP A 153 -2.17 17.82 15.78
N PHE A 154 -2.83 16.97 16.57
CA PHE A 154 -2.22 15.99 17.47
C PHE A 154 -1.93 16.56 18.85
N GLY A 155 -2.28 17.81 19.14
CA GLY A 155 -2.05 18.34 20.46
C GLY A 155 -2.58 17.42 21.54
N MET A 156 -3.69 16.73 21.26
CA MET A 156 -4.41 15.86 22.19
C MET A 156 -4.00 14.39 22.14
N ALA A 157 -2.98 14.03 21.37
CA ALA A 157 -2.63 12.62 21.22
C ALA A 157 -1.88 12.16 22.46
N ARG A 158 -2.11 10.89 22.88
CA ARG A 158 -1.52 10.52 24.17
C ARG A 158 -0.80 9.18 24.21
N GLY A 159 -1.33 8.13 23.59
CA GLY A 159 -0.72 6.82 23.72
C GLY A 159 -1.43 5.94 24.73
N LEU A 160 -0.91 4.72 24.88
CA LEU A 160 -1.66 3.66 25.54
C LEU A 160 -1.64 3.71 27.05
N CYS A 161 -0.53 4.15 27.65
CA CYS A 161 -0.44 4.17 29.11
C CYS A 161 -1.25 5.34 29.66
N THR A 162 -2.11 5.06 30.63
CA THR A 162 -2.89 6.09 31.32
C THR A 162 -2.80 5.83 32.82
N SER A 163 -1.72 6.32 33.43
CA SER A 163 -1.58 6.27 34.88
C SER A 163 -2.79 6.97 35.48
N PRO A 164 -2.91 7.03 36.81
CA PRO A 164 -3.90 7.93 37.40
C PRO A 164 -3.77 9.36 36.90
N ALA A 165 -3.54 9.52 35.59
CA ALA A 165 -3.74 10.76 34.87
C ALA A 165 -5.10 10.77 34.15
N GLU A 166 -5.99 9.86 34.56
CA GLU A 166 -7.37 9.86 34.08
C GLU A 166 -8.18 10.97 34.71
N HIS A 167 -7.81 11.43 35.91
CA HIS A 167 -8.42 12.65 36.43
C HIS A 167 -8.08 13.85 35.56
N GLN A 168 -6.88 13.88 34.98
CA GLN A 168 -6.56 14.90 33.99
C GLN A 168 -7.59 14.92 32.87
N TYR A 169 -7.99 13.74 32.39
CA TYR A 169 -9.02 13.68 31.35
C TYR A 169 -10.39 14.05 31.91
N PHE A 170 -10.65 13.72 33.17
CA PHE A 170 -11.87 14.15 33.86
C PHE A 170 -12.19 15.60 33.58
N MET A 171 -11.25 16.48 33.88
CA MET A 171 -11.45 17.94 33.81
C MET A 171 -10.40 18.49 32.86
N THR A 172 -10.82 18.77 31.64
CA THR A 172 -9.98 19.45 30.67
C THR A 172 -10.87 20.29 29.78
N GLU A 173 -10.26 21.22 29.08
CA GLU A 173 -11.00 22.18 28.29
C GLU A 173 -11.35 21.57 26.93
N TYR A 174 -12.64 21.62 26.57
CA TYR A 174 -13.12 21.18 25.26
C TYR A 174 -14.17 22.18 24.81
N VAL A 175 -13.81 23.05 23.89
CA VAL A 175 -14.73 24.04 23.32
C VAL A 175 -15.20 23.49 21.99
N ALA A 176 -16.50 23.18 21.89
CA ALA A 176 -17.09 22.62 20.68
C ALA A 176 -16.51 21.26 20.36
N THR A 177 -15.59 20.78 21.20
CA THR A 177 -14.87 19.54 20.95
C THR A 177 -15.44 18.35 21.71
N ARG A 178 -16.53 18.53 22.47
CA ARG A 178 -17.21 17.35 23.01
C ARG A 178 -18.10 16.67 21.98
N TRP A 179 -18.33 17.29 20.81
CA TRP A 179 -19.24 16.71 19.83
C TRP A 179 -18.73 15.37 19.32
N TYR A 180 -17.42 15.17 19.29
CA TYR A 180 -16.83 13.92 18.82
C TYR A 180 -16.08 13.19 19.93
N ARG A 181 -16.21 13.64 21.18
CA ARG A 181 -15.47 13.04 22.27
C ARG A 181 -16.03 11.66 22.61
N ALA A 182 -15.15 10.66 22.63
CA ALA A 182 -15.56 9.28 22.85
C ALA A 182 -16.26 9.11 24.20
N PRO A 183 -17.25 8.21 24.26
CA PRO A 183 -17.94 7.95 25.55
C PRO A 183 -17.02 7.60 26.70
N GLU A 184 -15.94 6.85 26.46
CA GLU A 184 -15.05 6.49 27.55
C GLU A 184 -14.41 7.73 28.18
N LEU A 185 -14.29 8.83 27.43
CA LEU A 185 -13.77 10.09 27.93
C LEU A 185 -14.86 10.94 28.54
N MET A 186 -16.03 10.99 27.89
CA MET A 186 -17.18 11.65 28.50
C MET A 186 -17.47 11.09 29.88
N LEU A 187 -17.35 9.77 30.04
CA LEU A 187 -17.75 9.09 31.26
C LEU A 187 -16.56 8.58 32.07
N SER A 188 -15.34 8.91 31.66
CA SER A 188 -14.11 8.47 32.33
C SER A 188 -14.20 6.99 32.73
N LEU A 189 -14.36 6.15 31.70
CA LEU A 189 -14.49 4.70 31.88
C LEU A 189 -13.15 4.01 32.09
N HIS A 190 -12.04 4.75 32.15
CA HIS A 190 -10.72 4.19 32.42
C HIS A 190 -10.35 3.08 31.44
N GLU A 191 -10.83 3.20 30.20
CA GLU A 191 -10.44 2.32 29.10
C GLU A 191 -10.09 3.26 27.95
N TYR A 192 -8.80 3.58 27.83
CA TYR A 192 -8.29 4.61 26.93
C TYR A 192 -7.32 3.98 25.95
N THR A 193 -7.86 3.53 24.82
CA THR A 193 -7.13 2.90 23.73
C THR A 193 -7.42 3.64 22.44
N GLN A 194 -6.89 3.11 21.33
CA GLN A 194 -7.12 3.69 20.02
C GLN A 194 -8.59 3.69 19.65
N ALA A 195 -9.40 2.82 20.26
CA ALA A 195 -10.83 2.79 19.97
C ALA A 195 -11.47 4.16 20.16
N ILE A 196 -10.92 4.99 21.05
CA ILE A 196 -11.34 6.37 21.21
C ILE A 196 -11.55 6.98 19.84
N ASP A 197 -10.48 6.99 19.04
CA ASP A 197 -10.55 7.63 17.74
C ASP A 197 -11.69 7.06 16.90
N LEU A 198 -11.95 5.77 17.01
CA LEU A 198 -12.97 5.18 16.16
C LEU A 198 -14.34 5.78 16.46
N TRP A 199 -14.64 6.05 17.73
CA TRP A 199 -15.89 6.75 18.02
C TRP A 199 -15.97 8.01 17.17
N SER A 200 -14.94 8.85 17.25
CA SER A 200 -14.96 10.09 16.49
C SER A 200 -15.15 9.80 15.00
N VAL A 201 -14.46 8.77 14.48
CA VAL A 201 -14.58 8.48 13.06
C VAL A 201 -16.04 8.26 12.70
N GLY A 202 -16.73 7.42 13.47
CA GLY A 202 -18.15 7.24 13.25
C GLY A 202 -18.89 8.56 13.20
N CYS A 203 -18.65 9.42 14.20
CA CYS A 203 -19.27 10.74 14.21
C CYS A 203 -18.97 11.50 12.94
N ILE A 204 -17.71 11.49 12.52
CA ILE A 204 -17.36 12.17 11.28
C ILE A 204 -18.07 11.51 10.10
N PHE A 205 -18.10 10.17 10.10
CA PHE A 205 -18.72 9.42 9.00
C PHE A 205 -20.16 9.84 8.80
N GLY A 206 -20.98 9.72 9.85
CA GLY A 206 -22.36 10.17 9.76
C GLY A 206 -22.47 11.63 9.38
N GLU A 207 -21.53 12.45 9.86
CA GLU A 207 -21.60 13.87 9.51
C GLU A 207 -21.42 14.06 8.01
N MET A 208 -20.57 13.25 7.38
CA MET A 208 -20.49 13.31 5.92
C MET A 208 -21.78 12.80 5.29
N LEU A 209 -22.38 11.77 5.89
CA LEU A 209 -23.58 11.18 5.29
C LEU A 209 -24.71 12.19 5.17
N ALA A 210 -25.10 12.79 6.30
CA ALA A 210 -26.20 13.73 6.32
C ALA A 210 -25.74 15.18 6.21
N ARG A 211 -24.43 15.41 6.09
CA ARG A 211 -23.87 16.76 6.10
C ARG A 211 -24.45 17.59 7.23
N ARG A 212 -24.52 17.00 8.42
CA ARG A 212 -24.84 17.72 9.64
C ARG A 212 -24.30 16.92 10.81
N GLN A 213 -23.83 17.63 11.84
CA GLN A 213 -23.25 16.95 12.99
C GLN A 213 -24.24 15.97 13.58
N LEU A 214 -23.72 14.84 14.06
CA LEU A 214 -24.57 13.76 14.58
C LEU A 214 -24.93 14.00 16.05
N PHE A 215 -23.97 14.39 16.87
CA PHE A 215 -24.18 14.53 18.31
C PHE A 215 -23.70 15.91 18.76
N PRO A 216 -24.50 16.95 18.46
CA PRO A 216 -24.15 18.35 18.76
C PRO A 216 -24.66 18.84 20.12
N GLY A 217 -24.09 18.29 21.20
CA GLY A 217 -24.45 18.76 22.53
C GLY A 217 -24.14 20.22 22.80
N LYS A 218 -25.10 20.96 23.37
CA LYS A 218 -24.88 22.34 23.77
C LYS A 218 -24.14 22.47 25.09
N ASN A 219 -24.03 21.37 25.83
CA ASN A 219 -23.29 21.32 27.08
C ASN A 219 -23.00 19.86 27.36
N TYR A 220 -22.22 19.62 28.42
CA TYR A 220 -21.83 18.26 28.77
C TYR A 220 -23.04 17.35 28.89
N VAL A 221 -24.00 17.75 29.73
CA VAL A 221 -25.18 16.91 29.97
C VAL A 221 -25.98 16.75 28.69
N HIS A 222 -26.14 17.84 27.93
CA HIS A 222 -26.84 17.74 26.66
C HIS A 222 -26.12 16.77 25.72
N GLN A 223 -24.80 16.81 25.70
CA GLN A 223 -24.03 15.89 24.87
C GLN A 223 -24.37 14.44 25.23
N LEU A 224 -24.30 14.11 26.52
CA LEU A 224 -24.68 12.76 26.95
C LEU A 224 -26.12 12.42 26.53
N GLN A 225 -27.04 13.38 26.70
CA GLN A 225 -28.43 13.11 26.38
C GLN A 225 -28.60 12.80 24.90
N LEU A 226 -27.94 13.57 24.04
CA LEU A 226 -28.01 13.31 22.61
C LEU A 226 -27.47 11.93 22.28
N ILE A 227 -26.26 11.63 22.75
CA ILE A 227 -25.68 10.31 22.52
C ILE A 227 -26.67 9.21 22.89
N MET A 228 -27.33 9.37 24.04
CA MET A 228 -28.20 8.30 24.53
C MET A 228 -29.50 8.22 23.75
N MET A 229 -30.05 9.35 23.28
CA MET A 229 -31.33 9.31 22.57
C MET A 229 -31.24 8.43 21.32
N VAL A 230 -30.05 8.23 20.79
CA VAL A 230 -29.84 7.39 19.63
C VAL A 230 -29.31 6.02 20.02
N LEU A 231 -28.21 5.98 20.79
CA LEU A 231 -27.63 4.68 21.13
C LEU A 231 -28.41 3.95 22.21
N GLY A 232 -29.44 4.58 22.78
CA GLY A 232 -30.20 3.96 23.84
C GLY A 232 -29.48 4.02 25.17
N THR A 233 -30.20 3.59 26.21
CA THR A 233 -29.66 3.63 27.56
C THR A 233 -28.39 2.79 27.64
N PRO A 234 -27.29 3.33 28.19
CA PRO A 234 -26.08 2.53 28.35
C PRO A 234 -26.33 1.30 29.19
N SER A 235 -25.41 0.34 29.09
CA SER A 235 -25.60 -0.94 29.74
C SER A 235 -25.18 -0.88 31.21
N PRO A 236 -25.62 -1.87 32.01
CA PRO A 236 -25.15 -1.96 33.40
C PRO A 236 -23.65 -1.79 33.58
N ALA A 237 -22.84 -2.59 32.87
CA ALA A 237 -21.40 -2.55 33.08
C ALA A 237 -20.84 -1.16 32.84
N VAL A 238 -21.25 -0.52 31.74
CA VAL A 238 -20.80 0.83 31.45
C VAL A 238 -21.11 1.76 32.61
N ILE A 239 -22.39 1.81 33.01
CA ILE A 239 -22.79 2.68 34.11
C ILE A 239 -21.89 2.43 35.31
N GLN A 240 -21.65 1.16 35.64
CA GLN A 240 -20.80 0.85 36.78
C GLN A 240 -19.36 1.30 36.58
N ALA A 241 -18.92 1.45 35.33
CA ALA A 241 -17.55 1.87 35.10
C ALA A 241 -17.38 3.39 35.06
N VAL A 242 -18.47 4.15 35.10
CA VAL A 242 -18.38 5.60 35.00
C VAL A 242 -17.56 6.15 36.16
N GLY A 243 -16.71 7.13 35.85
CA GLY A 243 -15.77 7.62 36.86
C GLY A 243 -16.43 8.40 37.97
N ALA A 244 -17.21 9.42 37.61
CA ALA A 244 -17.82 10.32 38.59
C ALA A 244 -19.17 9.76 39.03
N GLU A 245 -19.30 9.47 40.32
CA GLU A 245 -20.56 8.92 40.83
C GLU A 245 -21.75 9.76 40.43
N ARG A 246 -21.56 11.08 40.25
CA ARG A 246 -22.68 11.95 39.93
C ARG A 246 -23.21 11.67 38.53
N VAL A 247 -22.31 11.44 37.57
CA VAL A 247 -22.75 11.07 36.22
C VAL A 247 -23.51 9.75 36.27
N ARG A 248 -22.95 8.76 36.98
CA ARG A 248 -23.65 7.50 37.18
C ARG A 248 -25.06 7.73 37.72
N ALA A 249 -25.17 8.54 38.78
CA ALA A 249 -26.47 8.75 39.41
C ALA A 249 -27.45 9.35 38.42
N TYR A 250 -27.04 10.38 37.68
CA TYR A 250 -27.94 10.97 36.69
C TYR A 250 -28.38 9.93 35.66
N ILE A 251 -27.43 9.15 35.14
CA ILE A 251 -27.77 8.19 34.09
C ILE A 251 -28.73 7.13 34.62
N GLN A 252 -28.52 6.69 35.86
CA GLN A 252 -29.39 5.68 36.47
C GLN A 252 -30.77 6.25 36.77
N SER A 253 -30.86 7.52 37.09
CA SER A 253 -32.08 8.27 37.29
C SER A 253 -32.84 8.58 35.97
N LEU A 254 -32.43 8.01 34.83
CA LEU A 254 -33.03 8.11 33.50
C LEU A 254 -33.84 6.86 33.16
N PRO A 255 -34.98 7.03 32.48
CA PRO A 255 -35.82 5.92 32.01
C PRO A 255 -35.03 4.82 31.31
N GLN A 258 -33.97 2.81 24.48
CA GLN A 258 -33.59 1.87 23.43
C GLN A 258 -32.79 2.50 22.27
N PRO A 259 -31.94 1.69 21.64
CA PRO A 259 -31.18 2.16 20.48
C PRO A 259 -32.05 2.29 19.23
N VAL A 260 -31.96 3.44 18.59
CA VAL A 260 -32.67 3.68 17.34
C VAL A 260 -31.85 3.10 16.19
N PRO A 261 -32.43 2.29 15.31
CA PRO A 261 -31.64 1.73 14.20
C PRO A 261 -31.02 2.83 13.36
N TRP A 262 -29.87 2.52 12.74
CA TRP A 262 -29.19 3.54 11.97
C TRP A 262 -29.91 3.83 10.66
N GLU A 263 -30.64 2.85 10.11
CA GLU A 263 -31.45 3.13 8.93
C GLU A 263 -32.52 4.18 9.24
N THR A 264 -32.91 4.28 10.51
CA THR A 264 -33.87 5.29 10.93
C THR A 264 -33.19 6.63 11.22
N VAL A 265 -31.98 6.59 11.78
CA VAL A 265 -31.22 7.84 11.98
C VAL A 265 -30.91 8.49 10.64
N TYR A 266 -30.41 7.69 9.69
CA TYR A 266 -30.05 8.17 8.37
C TYR A 266 -30.91 7.43 7.35
N PRO A 267 -32.17 7.84 7.21
CA PRO A 267 -33.09 7.09 6.34
C PRO A 267 -32.63 7.18 4.89
N GLY A 268 -32.39 6.03 4.28
CA GLY A 268 -32.02 5.97 2.89
C GLY A 268 -30.53 6.03 2.60
N ALA A 269 -29.68 5.60 3.53
CA ALA A 269 -28.24 5.71 3.37
C ALA A 269 -27.70 4.41 2.78
N ASP A 270 -26.57 4.51 2.09
CA ASP A 270 -25.95 3.31 1.53
C ASP A 270 -25.88 2.23 2.60
N ARG A 271 -26.41 1.05 2.27
CA ARG A 271 -26.46 -0.04 3.23
C ARG A 271 -25.09 -0.31 3.85
N GLN A 272 -24.07 -0.46 3.02
CA GLN A 272 -22.74 -0.78 3.54
C GLN A 272 -22.19 0.35 4.40
N ALA A 273 -22.44 1.59 4.00
CA ALA A 273 -22.00 2.74 4.78
C ALA A 273 -22.55 2.66 6.21
N LEU A 274 -23.84 2.33 6.35
CA LEU A 274 -24.42 2.24 7.67
C LEU A 274 -23.95 0.99 8.40
N SER A 275 -23.62 -0.09 7.67
CA SER A 275 -23.00 -1.24 8.33
C SER A 275 -21.73 -0.81 9.06
N LEU A 276 -20.81 -0.20 8.32
CA LEU A 276 -19.58 0.28 8.94
C LEU A 276 -19.90 1.23 10.10
N LEU A 277 -20.74 2.24 9.83
CA LEU A 277 -21.12 3.21 10.87
C LEU A 277 -21.55 2.51 12.15
N GLY A 278 -22.46 1.55 12.05
CA GLY A 278 -22.90 0.84 13.24
C GLY A 278 -21.78 0.07 13.90
N ARG A 279 -20.81 -0.38 13.11
CA ARG A 279 -19.64 -1.03 13.70
C ARG A 279 -18.77 -0.03 14.47
N MET A 280 -18.91 1.27 14.17
CA MET A 280 -18.09 2.27 14.83
C MET A 280 -18.73 2.86 16.10
N LEU A 281 -20.00 3.24 16.03
CA LEU A 281 -20.64 3.99 17.09
C LEU A 281 -21.23 3.04 18.14
N ARG A 282 -20.42 2.68 19.13
CA ARG A 282 -20.92 1.89 20.25
C ARG A 282 -20.31 2.37 21.57
N PHE A 283 -21.08 2.21 22.66
CA PHE A 283 -20.62 2.65 23.97
C PHE A 283 -19.34 1.93 24.38
N GLU A 284 -19.35 0.61 24.35
CA GLU A 284 -18.19 -0.17 24.80
C GLU A 284 -17.04 -0.01 23.81
N PRO A 285 -15.88 0.49 24.23
CA PRO A 285 -14.74 0.53 23.31
C PRO A 285 -14.44 -0.81 22.67
N SER A 286 -14.44 -1.89 23.46
CA SER A 286 -14.11 -3.21 22.94
C SER A 286 -15.02 -3.63 21.79
N ALA A 287 -16.23 -3.08 21.74
CA ALA A 287 -17.20 -3.46 20.71
C ALA A 287 -16.98 -2.73 19.41
N ARG A 288 -16.06 -1.77 19.35
CA ARG A 288 -15.83 -1.03 18.12
C ARG A 288 -14.88 -1.78 17.19
N ILE A 289 -14.99 -1.49 15.92
CA ILE A 289 -14.09 -2.08 14.94
C ILE A 289 -12.76 -1.33 14.96
N SER A 290 -11.68 -2.06 14.71
CA SER A 290 -10.37 -1.44 14.54
C SER A 290 -10.30 -0.69 13.21
N ALA A 291 -9.32 0.19 13.10
CA ALA A 291 -9.09 0.86 11.82
C ALA A 291 -8.72 -0.14 10.74
N ALA A 292 -7.91 -1.14 11.09
CA ALA A 292 -7.51 -2.17 10.14
C ALA A 292 -8.73 -2.93 9.61
N ALA A 293 -9.58 -3.41 10.52
CA ALA A 293 -10.75 -4.16 10.06
C ALA A 293 -11.70 -3.27 9.27
N ALA A 294 -11.82 -2.01 9.64
CA ALA A 294 -12.66 -1.10 8.88
C ALA A 294 -12.17 -0.99 7.45
N LEU A 295 -10.85 -0.99 7.25
CA LEU A 295 -10.36 -0.86 5.88
C LEU A 295 -10.75 -2.05 5.01
N ARG A 296 -11.09 -3.19 5.62
CA ARG A 296 -11.54 -4.36 4.88
C ARG A 296 -13.04 -4.43 4.75
N HIS A 297 -13.78 -3.47 5.32
CA HIS A 297 -15.22 -3.55 5.25
C HIS A 297 -15.70 -3.37 3.80
N PRO A 298 -16.79 -4.04 3.43
CA PRO A 298 -17.32 -3.88 2.06
C PRO A 298 -17.41 -2.43 1.62
N PHE A 299 -17.83 -1.52 2.50
CA PHE A 299 -18.05 -0.13 2.10
C PHE A 299 -16.81 0.50 1.46
N LEU A 300 -15.63 -0.06 1.69
CA LEU A 300 -14.39 0.50 1.18
C LEU A 300 -13.72 -0.43 0.17
N ALA A 301 -14.44 -1.44 -0.33
CA ALA A 301 -13.86 -2.38 -1.29
C ALA A 301 -13.26 -1.65 -2.47
N LYS A 302 -13.86 -0.52 -2.88
CA LYS A 302 -13.34 0.23 -4.01
C LYS A 302 -11.86 0.55 -3.85
N TYR A 303 -11.41 0.87 -2.63
CA TYR A 303 -10.04 1.32 -2.43
C TYR A 303 -9.17 0.40 -1.60
N HIS A 304 -9.75 -0.59 -0.92
CA HIS A 304 -8.94 -1.44 -0.05
C HIS A 304 -7.77 -2.01 -0.81
N ASP A 305 -6.58 -1.96 -0.18
CA ASP A 305 -5.36 -2.49 -0.79
C ASP A 305 -4.39 -2.88 0.31
N PRO A 306 -4.25 -4.17 0.60
CA PRO A 306 -3.42 -4.60 1.74
C PRO A 306 -1.92 -4.33 1.57
N ASP A 307 -1.41 -4.19 0.36
CA ASP A 307 0.00 -3.84 0.19
C ASP A 307 0.23 -2.33 0.25
N ASP A 308 -0.80 -1.55 0.54
CA ASP A 308 -0.60 -0.10 0.58
C ASP A 308 -1.26 0.53 1.81
N GLU A 309 -1.45 -0.25 2.87
CA GLU A 309 -2.03 0.23 4.12
C GLU A 309 -1.06 -0.16 5.21
N PRO A 310 0.09 0.50 5.27
CA PRO A 310 1.17 0.02 6.13
C PRO A 310 0.94 0.37 7.58
N ASP A 311 1.47 -0.49 8.46
CA ASP A 311 1.65 -0.12 9.86
C ASP A 311 2.85 0.83 9.96
N CYS A 312 3.14 1.27 11.18
CA CYS A 312 4.26 2.13 11.49
C CYS A 312 5.10 1.46 12.57
N ALA A 313 6.41 1.31 12.31
CA ALA A 313 7.32 0.76 13.31
C ALA A 313 8.57 1.62 13.33
N PRO A 314 9.19 1.83 14.50
CA PRO A 314 8.79 1.38 15.84
C PRO A 314 7.62 2.18 16.40
N PRO A 315 7.03 1.70 17.50
CA PRO A 315 5.99 2.47 18.19
C PRO A 315 6.54 3.79 18.70
N PHE A 316 5.60 4.67 19.07
CA PHE A 316 5.92 6.02 19.51
C PHE A 316 6.02 6.03 21.04
N ASP A 317 7.13 6.55 21.55
CA ASP A 317 7.37 6.59 23.00
C ASP A 317 7.01 7.95 23.58
N PHE A 318 6.12 7.95 24.58
CA PHE A 318 5.73 9.18 25.26
C PHE A 318 6.52 9.47 26.53
N ALA A 319 7.61 8.73 26.79
CA ALA A 319 8.36 8.93 28.03
C ALA A 319 8.80 10.38 28.17
N PHE A 320 9.34 10.96 27.10
CA PHE A 320 9.73 12.36 27.12
C PHE A 320 8.61 13.25 27.61
N ASP A 321 7.36 12.88 27.31
CA ASP A 321 6.21 13.70 27.64
C ASP A 321 5.75 13.44 29.07
N ARG A 322 5.98 12.22 29.59
CA ARG A 322 5.44 11.86 30.90
C ARG A 322 6.19 12.57 32.02
N GLU A 323 7.51 12.68 31.91
CA GLU A 323 8.29 13.33 32.96
C GLU A 323 7.98 14.81 33.07
N ALA A 324 7.91 15.28 34.31
CA ALA A 324 7.71 16.71 34.56
C ALA A 324 9.00 17.43 34.19
N LEU A 325 8.96 18.24 33.14
CA LEU A 325 10.12 19.01 32.71
C LEU A 325 9.89 20.48 33.02
N THR A 326 10.93 21.14 33.55
CA THR A 326 10.88 22.58 33.67
C THR A 326 10.64 23.23 32.31
N ARG A 327 10.17 24.48 32.35
CA ARG A 327 10.06 25.28 31.14
C ARG A 327 11.37 25.27 30.36
N GLU A 328 12.50 25.42 31.07
CA GLU A 328 13.78 25.49 30.40
C GLU A 328 14.08 24.20 29.64
N ARG A 329 13.95 23.04 30.31
CA ARG A 329 14.26 21.79 29.64
C ARG A 329 13.34 21.51 28.47
N ILE A 330 12.07 21.94 28.55
CA ILE A 330 11.16 21.81 27.42
C ILE A 330 11.65 22.64 26.23
N LYS A 331 11.99 23.91 26.48
CA LYS A 331 12.56 24.76 25.43
C LYS A 331 13.82 24.13 24.84
N GLU A 332 14.69 23.61 25.70
CA GLU A 332 15.89 22.92 25.25
C GLU A 332 15.52 21.79 24.29
N ALA A 333 14.55 20.96 24.68
CA ALA A 333 14.17 19.83 23.84
C ALA A 333 13.61 20.28 22.50
N ILE A 334 12.83 21.37 22.49
CA ILE A 334 12.27 21.88 21.23
C ILE A 334 13.39 22.35 20.30
N VAL A 335 14.35 23.10 20.83
CA VAL A 335 15.46 23.55 19.99
C VAL A 335 16.25 22.34 19.48
N ALA A 336 16.45 21.34 20.35
CA ALA A 336 17.10 20.11 19.92
C ALA A 336 16.31 19.44 18.80
N GLU A 337 14.98 19.53 18.89
CA GLU A 337 14.12 18.96 17.85
C GLU A 337 14.37 19.65 16.52
N ILE A 338 14.43 20.98 16.52
CA ILE A 338 14.71 21.70 15.27
C ILE A 338 16.04 21.24 14.69
N GLU A 339 17.10 21.25 15.51
CA GLU A 339 18.40 20.86 14.98
C GLU A 339 18.38 19.43 14.47
N ASP A 340 17.74 18.51 15.20
CA ASP A 340 17.65 17.14 14.73
C ASP A 340 16.95 17.08 13.38
N PHE A 341 15.86 17.81 13.22
CA PHE A 341 15.20 17.83 11.92
C PHE A 341 16.19 18.23 10.83
N HIS A 342 16.93 19.31 11.07
CA HIS A 342 17.91 19.71 10.07
C HIS A 342 19.04 18.72 9.94
N ALA A 343 19.10 17.71 10.81
CA ALA A 343 20.06 16.64 10.72
C ALA A 343 19.52 15.42 10.00
N ARG A 344 18.29 15.47 9.49
CA ARG A 344 17.65 14.37 8.78
C ARG A 344 17.04 14.88 7.46
N ARG A 345 17.86 15.51 6.63
CA ARG A 345 17.42 16.21 5.43
C ARG A 345 16.94 17.59 5.86
N GLU A 346 16.53 18.43 4.92
CA GLU A 346 16.09 19.79 5.24
C GLU A 346 14.68 20.06 4.75
N GLU B 7 -12.73 1.04 -32.20
CA GLU B 7 -12.15 0.58 -33.46
C GLU B 7 -12.06 -0.94 -33.51
N TYR B 8 -12.48 -1.60 -32.44
CA TYR B 8 -12.42 -3.05 -32.35
C TYR B 8 -13.80 -3.61 -32.05
N GLU B 9 -13.93 -4.93 -32.23
CA GLU B 9 -15.16 -5.64 -31.93
C GLU B 9 -14.80 -6.96 -31.28
N ILE B 10 -15.48 -7.27 -30.17
CA ILE B 10 -15.14 -8.45 -29.37
C ILE B 10 -15.70 -9.70 -30.04
N ILE B 11 -14.97 -10.80 -29.89
CA ILE B 11 -15.36 -12.08 -30.48
C ILE B 11 -15.71 -13.04 -29.36
N GLU B 12 -14.73 -13.48 -28.59
CA GLU B 12 -15.00 -14.41 -27.51
C GLU B 12 -14.09 -14.11 -26.33
N THR B 13 -14.52 -14.44 -25.11
CA THR B 13 -13.68 -14.19 -23.96
C THR B 13 -12.62 -15.26 -23.82
N ILE B 14 -11.38 -14.87 -23.54
CA ILE B 14 -10.26 -15.80 -23.51
C ILE B 14 -9.84 -16.12 -22.09
N GLY B 15 -9.98 -15.12 -21.21
CA GLY B 15 -9.61 -15.29 -19.82
C GLY B 15 -10.16 -14.24 -18.88
N ASN B 16 -10.34 -14.56 -17.60
CA ASN B 16 -10.89 -13.58 -16.66
C ASN B 16 -10.03 -13.50 -15.42
N GLY B 17 -10.67 -13.40 -14.25
CA GLY B 17 -9.93 -13.18 -13.03
C GLY B 17 -9.67 -11.71 -12.83
N ALA B 18 -9.02 -11.39 -11.70
CA ALA B 18 -8.74 -10.00 -11.42
C ALA B 18 -7.83 -9.40 -12.48
N TYR B 19 -7.52 -8.12 -12.34
CA TYR B 19 -6.60 -7.43 -13.25
C TYR B 19 -6.98 -7.60 -14.72
N GLY B 20 -8.27 -7.64 -15.00
CA GLY B 20 -8.63 -7.57 -16.40
C GLY B 20 -9.27 -8.82 -16.93
N VAL B 21 -10.17 -8.64 -17.91
CA VAL B 21 -10.72 -9.71 -18.73
C VAL B 21 -9.99 -9.67 -20.07
N VAL B 22 -9.56 -10.83 -20.58
CA VAL B 22 -8.85 -10.93 -21.85
C VAL B 22 -9.75 -11.64 -22.84
N SER B 23 -10.19 -10.89 -23.87
CA SER B 23 -11.03 -11.43 -24.93
C SER B 23 -10.29 -11.36 -26.25
N SER B 24 -10.70 -12.21 -27.19
CA SER B 24 -10.25 -12.12 -28.57
C SER B 24 -11.25 -11.31 -29.37
N ARG B 25 -10.72 -10.44 -30.23
CA ARG B 25 -11.51 -9.50 -31.00
C ARG B 25 -10.86 -9.31 -32.38
N ARG B 26 -11.49 -8.50 -33.22
CA ARG B 26 -10.98 -8.20 -34.55
C ARG B 26 -10.97 -6.69 -34.74
N ARG B 27 -9.86 -6.16 -35.24
CA ARG B 27 -9.82 -4.74 -35.59
C ARG B 27 -10.71 -4.46 -36.79
N ARG B 28 -11.57 -3.44 -36.67
CA ARG B 28 -12.60 -3.20 -37.67
C ARG B 28 -12.00 -2.77 -39.01
N LEU B 29 -10.88 -2.08 -39.02
CA LEU B 29 -10.34 -1.52 -40.25
C LEU B 29 -9.50 -2.52 -41.04
N THR B 30 -8.69 -3.35 -40.37
CA THR B 30 -7.76 -4.24 -41.05
C THR B 30 -8.22 -5.68 -41.10
N GLY B 31 -9.06 -6.12 -40.17
CA GLY B 31 -9.44 -7.51 -40.05
C GLY B 31 -8.52 -8.35 -39.20
N GLN B 32 -7.39 -7.80 -38.77
CA GLN B 32 -6.48 -8.53 -37.90
C GLN B 32 -7.17 -8.91 -36.60
N GLN B 33 -6.94 -10.14 -36.15
CA GLN B 33 -7.44 -10.60 -34.86
C GLN B 33 -6.42 -10.27 -33.78
N VAL B 34 -6.91 -9.91 -32.59
CA VAL B 34 -6.05 -9.50 -31.48
C VAL B 34 -6.64 -10.01 -30.18
N ALA B 35 -5.88 -9.82 -29.10
CA ALA B 35 -6.38 -10.00 -27.75
C ALA B 35 -6.53 -8.63 -27.13
N ILE B 36 -7.65 -8.40 -26.46
CA ILE B 36 -7.95 -7.14 -25.78
C ILE B 36 -8.03 -7.44 -24.29
N LYS B 37 -7.21 -6.73 -23.51
CA LYS B 37 -7.21 -6.83 -22.06
C LYS B 37 -7.93 -5.62 -21.49
N LYS B 38 -9.07 -5.89 -20.84
CA LYS B 38 -9.83 -4.90 -20.09
C LYS B 38 -9.28 -4.86 -18.66
N ILE B 39 -8.87 -3.67 -18.22
CA ILE B 39 -8.50 -3.45 -16.83
C ILE B 39 -9.52 -2.48 -16.25
N PRO B 40 -10.56 -2.98 -15.59
CA PRO B 40 -11.57 -2.10 -15.01
C PRO B 40 -11.06 -1.46 -13.72
N ASN B 41 -11.68 -0.33 -13.37
CA ASN B 41 -11.39 0.38 -12.13
C ASN B 41 -9.89 0.40 -11.84
N ALA B 42 -9.10 0.68 -12.87
CA ALA B 42 -7.65 0.52 -12.84
C ALA B 42 -6.95 1.55 -11.95
N PHE B 43 -7.62 2.62 -11.54
CA PHE B 43 -6.96 3.65 -10.74
C PHE B 43 -7.39 3.68 -9.28
N ASP B 44 -8.23 2.73 -8.85
CA ASP B 44 -8.71 2.72 -7.47
C ASP B 44 -7.70 2.11 -6.52
N VAL B 45 -7.16 0.95 -6.88
CA VAL B 45 -6.29 0.17 -6.01
C VAL B 45 -4.83 0.52 -6.33
N VAL B 46 -4.19 1.27 -5.44
CA VAL B 46 -2.83 1.77 -5.62
C VAL B 46 -1.91 0.69 -6.17
N THR B 47 -2.01 -0.52 -5.61
CA THR B 47 -1.17 -1.62 -6.07
C THR B 47 -1.52 -2.03 -7.50
N ASN B 48 -2.82 -2.12 -7.80
CA ASN B 48 -3.25 -2.46 -9.15
C ASN B 48 -2.73 -1.44 -10.15
N ALA B 49 -2.96 -0.15 -9.88
CA ALA B 49 -2.53 0.87 -10.82
C ALA B 49 -1.01 0.90 -10.95
N LYS B 50 -0.27 0.71 -9.85
CA LYS B 50 1.18 0.66 -9.97
C LYS B 50 1.60 -0.46 -10.90
N ARG B 51 1.00 -1.65 -10.72
CA ARG B 51 1.35 -2.78 -11.58
C ARG B 51 1.00 -2.50 -13.04
N THR B 52 -0.15 -1.87 -13.29
CA THR B 52 -0.52 -1.50 -14.65
C THR B 52 0.54 -0.60 -15.27
N LEU B 53 0.91 0.48 -14.57
CA LEU B 53 1.95 1.36 -15.08
C LEU B 53 3.23 0.59 -15.36
N ARG B 54 3.64 -0.25 -14.41
CA ARG B 54 4.86 -1.04 -14.58
C ARG B 54 4.81 -1.88 -15.83
N GLU B 55 3.69 -2.59 -16.03
CA GLU B 55 3.59 -3.48 -17.19
C GLU B 55 3.59 -2.68 -18.49
N LEU B 56 2.85 -1.56 -18.53
CA LEU B 56 2.82 -0.76 -19.74
C LEU B 56 4.22 -0.31 -20.12
N LYS B 57 4.98 0.17 -19.14
CA LYS B 57 6.32 0.64 -19.43
C LYS B 57 7.23 -0.50 -19.86
N ILE B 58 7.18 -1.63 -19.15
CA ILE B 58 8.04 -2.76 -19.52
C ILE B 58 7.74 -3.22 -20.94
N LEU B 59 6.46 -3.41 -21.25
CA LEU B 59 6.13 -3.92 -22.57
C LEU B 59 6.50 -2.91 -23.65
N LYS B 60 6.22 -1.62 -23.43
CA LYS B 60 6.64 -0.64 -24.43
C LYS B 60 8.15 -0.61 -24.59
N HIS B 61 8.90 -0.99 -23.55
CA HIS B 61 10.36 -1.00 -23.70
C HIS B 61 10.83 -2.17 -24.55
N PHE B 62 10.26 -3.37 -24.36
CA PHE B 62 10.75 -4.53 -25.08
C PHE B 62 10.22 -4.58 -26.50
N LYS B 63 11.10 -4.95 -27.42
CA LYS B 63 10.71 -5.24 -28.82
C LYS B 63 11.45 -6.52 -29.21
N HIS B 64 10.81 -7.66 -28.99
CA HIS B 64 11.44 -8.96 -29.09
C HIS B 64 10.35 -9.98 -29.34
N ASP B 65 10.55 -10.86 -30.32
CA ASP B 65 9.48 -11.74 -30.78
C ASP B 65 9.04 -12.73 -29.72
N ASN B 66 9.90 -13.02 -28.74
CA ASN B 66 9.55 -13.96 -27.68
C ASN B 66 8.97 -13.26 -26.46
N ILE B 67 8.49 -12.03 -26.60
CA ILE B 67 7.86 -11.29 -25.51
C ILE B 67 6.58 -10.66 -26.04
N ILE B 68 5.45 -10.97 -25.40
CA ILE B 68 4.17 -10.43 -25.85
C ILE B 68 4.30 -8.93 -26.03
N ALA B 69 3.82 -8.42 -27.17
CA ALA B 69 3.94 -7.02 -27.51
C ALA B 69 2.58 -6.33 -27.52
N ILE B 70 2.59 -5.05 -27.16
CA ILE B 70 1.40 -4.21 -27.23
C ILE B 70 1.28 -3.65 -28.64
N LYS B 71 0.13 -3.89 -29.27
CA LYS B 71 -0.15 -3.34 -30.59
C LYS B 71 -1.01 -2.09 -30.54
N ASP B 72 -1.75 -1.87 -29.45
CA ASP B 72 -2.55 -0.66 -29.29
C ASP B 72 -2.95 -0.51 -27.82
N ILE B 73 -3.25 0.73 -27.44
CA ILE B 73 -3.84 1.06 -26.15
C ILE B 73 -4.96 2.05 -26.44
N LEU B 74 -6.21 1.64 -26.20
CA LEU B 74 -7.32 2.51 -26.54
C LEU B 74 -7.25 3.78 -25.70
N ARG B 75 -7.28 4.93 -26.37
CA ARG B 75 -7.24 6.18 -25.64
C ARG B 75 -8.55 6.44 -24.91
N PRO B 76 -8.51 7.26 -23.86
CA PRO B 76 -9.73 7.53 -23.10
C PRO B 76 -10.82 8.12 -23.98
N THR B 77 -11.85 7.33 -24.26
CA THR B 77 -13.01 7.81 -24.99
C THR B 77 -14.04 8.43 -24.06
N VAL B 78 -13.67 8.68 -22.80
CA VAL B 78 -14.51 9.41 -21.86
C VAL B 78 -13.63 10.46 -21.19
N PRO B 79 -14.21 11.56 -20.70
CA PRO B 79 -13.41 12.59 -20.04
C PRO B 79 -12.63 12.05 -18.85
N TYR B 80 -11.42 12.61 -18.64
CA TYR B 80 -10.61 12.33 -17.48
C TYR B 80 -11.45 12.22 -16.21
N GLY B 81 -10.97 11.48 -15.23
CA GLY B 81 -11.71 11.24 -14.01
C GLY B 81 -12.79 10.20 -14.20
N GLU B 82 -13.37 10.15 -15.40
CA GLU B 82 -14.29 9.08 -15.73
C GLU B 82 -13.58 7.93 -16.42
N PHE B 83 -12.37 8.17 -16.96
CA PHE B 83 -11.59 7.12 -17.58
C PHE B 83 -11.22 6.10 -16.51
N LYS B 84 -11.84 4.93 -16.55
CA LYS B 84 -11.68 3.94 -15.49
C LYS B 84 -11.38 2.54 -16.01
N SER B 85 -11.66 2.26 -17.27
CA SER B 85 -11.31 0.98 -17.89
C SER B 85 -10.19 1.23 -18.89
N VAL B 86 -9.11 0.46 -18.76
CA VAL B 86 -7.97 0.55 -19.66
C VAL B 86 -8.04 -0.61 -20.62
N TYR B 87 -7.94 -0.34 -21.92
CA TYR B 87 -8.00 -1.38 -22.94
C TYR B 87 -6.64 -1.48 -23.61
N VAL B 88 -6.01 -2.64 -23.49
CA VAL B 88 -4.69 -2.88 -24.07
C VAL B 88 -4.84 -3.96 -25.14
N VAL B 89 -4.45 -3.64 -26.36
CA VAL B 89 -4.51 -4.61 -27.45
C VAL B 89 -3.14 -5.28 -27.58
N LEU B 90 -3.12 -6.60 -27.60
CA LEU B 90 -1.89 -7.37 -27.72
C LEU B 90 -2.03 -8.44 -28.78
N ASP B 91 -0.90 -9.04 -29.13
CA ASP B 91 -0.88 -10.17 -30.06
C ASP B 91 -1.74 -11.30 -29.53
N LEU B 92 -2.58 -11.85 -30.39
CA LEU B 92 -3.40 -13.01 -30.06
C LEU B 92 -2.61 -14.28 -30.30
N MET B 93 -2.56 -15.13 -29.29
CA MET B 93 -1.94 -16.44 -29.37
C MET B 93 -3.03 -17.50 -29.25
N GLU B 94 -2.67 -18.73 -29.56
CA GLU B 94 -3.68 -19.77 -29.59
C GLU B 94 -3.82 -20.52 -28.28
N SER B 95 -2.75 -20.59 -27.51
CA SER B 95 -2.81 -21.38 -26.30
C SER B 95 -1.78 -20.81 -25.33
N ASP B 96 -1.43 -21.61 -24.34
CA ASP B 96 -0.33 -21.31 -23.44
C ASP B 96 0.35 -22.63 -23.11
N LEU B 97 1.63 -22.55 -22.73
CA LEU B 97 2.38 -23.79 -22.55
C LEU B 97 1.67 -24.73 -21.58
N HIS B 98 0.90 -24.21 -20.63
CA HIS B 98 0.20 -25.09 -19.70
C HIS B 98 -0.82 -25.96 -20.42
N GLN B 99 -1.76 -25.33 -21.10
CA GLN B 99 -2.77 -26.09 -21.84
C GLN B 99 -2.14 -27.14 -22.74
N ILE B 100 -1.06 -26.78 -23.44
CA ILE B 100 -0.34 -27.74 -24.27
C ILE B 100 0.18 -28.90 -23.41
N ILE B 101 0.78 -28.58 -22.27
CA ILE B 101 1.48 -29.59 -21.49
C ILE B 101 0.50 -30.56 -20.83
N HIS B 102 -0.65 -30.06 -20.38
CA HIS B 102 -1.59 -30.93 -19.70
C HIS B 102 -2.75 -31.23 -20.62
N SER B 103 -2.44 -31.90 -21.74
CA SER B 103 -3.43 -32.26 -22.75
C SER B 103 -3.02 -33.62 -23.31
N SER B 104 -3.65 -34.02 -24.41
CA SER B 104 -3.31 -35.28 -25.06
C SER B 104 -2.50 -35.07 -26.33
N GLN B 105 -2.00 -33.87 -26.57
CA GLN B 105 -1.37 -33.52 -27.83
C GLN B 105 0.13 -33.79 -27.76
N PRO B 106 0.79 -33.82 -28.91
CA PRO B 106 2.23 -34.12 -28.91
C PRO B 106 3.01 -33.12 -28.07
N LEU B 107 3.99 -33.65 -27.33
CA LEU B 107 4.99 -32.83 -26.64
C LEU B 107 6.28 -33.65 -26.71
N THR B 108 6.87 -33.66 -27.90
CA THR B 108 8.05 -34.45 -28.17
C THR B 108 9.29 -33.77 -27.62
N LEU B 109 10.38 -34.53 -27.53
CA LEU B 109 11.65 -33.93 -27.12
C LEU B 109 11.99 -32.70 -27.95
N GLU B 110 11.63 -32.70 -29.23
CA GLU B 110 11.90 -31.56 -30.09
C GLU B 110 10.97 -30.39 -29.79
N HIS B 111 9.70 -30.67 -29.52
CA HIS B 111 8.82 -29.63 -29.01
C HIS B 111 9.43 -28.97 -27.78
N VAL B 112 9.87 -29.80 -26.83
CA VAL B 112 10.41 -29.28 -25.58
C VAL B 112 11.66 -28.46 -25.84
N ARG B 113 12.51 -28.92 -26.76
CA ARG B 113 13.74 -28.19 -27.06
C ARG B 113 13.42 -26.83 -27.67
N TYR B 114 12.48 -26.79 -28.62
CA TYR B 114 12.18 -25.52 -29.29
C TYR B 114 11.51 -24.54 -28.34
N PHE B 115 10.60 -25.03 -27.49
CA PHE B 115 9.99 -24.18 -26.47
C PHE B 115 11.03 -23.61 -25.51
N LEU B 116 11.89 -24.48 -24.96
CA LEU B 116 12.93 -23.99 -24.06
C LEU B 116 13.81 -22.97 -24.75
N TYR B 117 14.16 -23.22 -26.01
CA TYR B 117 15.01 -22.28 -26.74
C TYR B 117 14.37 -20.89 -26.74
N GLN B 118 13.12 -20.81 -27.20
CA GLN B 118 12.49 -19.49 -27.27
C GLN B 118 12.38 -18.85 -25.90
N LEU B 119 12.09 -19.65 -24.87
CA LEU B 119 11.99 -19.10 -23.52
C LEU B 119 13.31 -18.45 -23.10
N LEU B 120 14.41 -19.18 -23.25
CA LEU B 120 15.71 -18.65 -22.83
C LEU B 120 16.17 -17.49 -23.72
N ARG B 121 15.70 -17.43 -24.97
CA ARG B 121 16.09 -16.33 -25.84
C ARG B 121 15.42 -15.03 -25.41
N GLY B 122 14.10 -15.09 -25.22
CA GLY B 122 13.43 -13.98 -24.56
C GLY B 122 14.08 -13.60 -23.25
N LEU B 123 14.45 -14.60 -22.44
CA LEU B 123 14.99 -14.32 -21.11
C LEU B 123 16.35 -13.64 -21.19
N LYS B 124 17.19 -14.03 -22.15
CA LYS B 124 18.46 -13.32 -22.33
C LYS B 124 18.21 -11.87 -22.65
N TYR B 125 17.33 -11.61 -23.62
CA TYR B 125 17.04 -10.22 -23.96
C TYR B 125 16.49 -9.45 -22.76
N MET B 126 15.70 -10.11 -21.91
CA MET B 126 15.05 -9.44 -20.80
C MET B 126 16.01 -9.20 -19.64
N HIS B 127 16.87 -10.17 -19.35
CA HIS B 127 17.84 -10.01 -18.28
C HIS B 127 18.94 -9.02 -18.66
N SER B 128 19.26 -8.89 -19.95
CA SER B 128 20.27 -7.90 -20.31
C SER B 128 19.81 -6.49 -19.99
N ALA B 129 18.50 -6.26 -19.90
CA ALA B 129 17.96 -4.97 -19.48
C ALA B 129 17.70 -4.89 -17.97
N GLN B 130 18.28 -5.81 -17.20
CA GLN B 130 18.16 -5.79 -15.74
C GLN B 130 16.70 -5.86 -15.31
N VAL B 131 15.93 -6.69 -16.02
CA VAL B 131 14.52 -6.91 -15.71
C VAL B 131 14.33 -8.38 -15.36
N ILE B 132 13.82 -8.64 -14.15
CA ILE B 132 13.54 -9.98 -13.67
C ILE B 132 12.04 -10.22 -13.74
N HIS B 133 11.63 -11.36 -14.31
CA HIS B 133 10.20 -11.60 -14.44
C HIS B 133 9.58 -11.99 -13.11
N ARG B 134 10.22 -12.94 -12.41
CA ARG B 134 9.85 -13.35 -11.05
C ARG B 134 8.63 -14.26 -11.00
N ASP B 135 7.83 -14.29 -12.06
CA ASP B 135 6.59 -15.07 -12.01
C ASP B 135 6.41 -15.89 -13.28
N LEU B 136 7.47 -16.55 -13.75
CA LEU B 136 7.36 -17.38 -14.94
C LEU B 136 6.69 -18.70 -14.58
N LYS B 137 5.91 -19.22 -15.54
CA LYS B 137 5.19 -20.48 -15.39
C LYS B 137 4.46 -20.79 -16.69
N PRO B 138 4.03 -22.04 -16.90
CA PRO B 138 3.40 -22.40 -18.18
C PRO B 138 2.22 -21.52 -18.55
N SER B 139 1.41 -21.10 -17.57
CA SER B 139 0.27 -20.23 -17.87
C SER B 139 0.71 -18.89 -18.45
N ASN B 140 1.95 -18.48 -18.22
CA ASN B 140 2.43 -17.17 -18.67
C ASN B 140 3.17 -17.22 -19.99
N LEU B 141 3.24 -18.39 -20.64
CA LEU B 141 3.91 -18.53 -21.92
C LEU B 141 2.87 -18.84 -23.00
N LEU B 142 2.64 -17.88 -23.87
CA LEU B 142 1.63 -18.00 -24.91
C LEU B 142 2.21 -18.63 -26.18
N VAL B 143 1.40 -19.47 -26.84
CA VAL B 143 1.85 -20.19 -28.02
C VAL B 143 0.75 -20.18 -29.06
N ASN B 144 1.16 -20.38 -30.32
CA ASN B 144 0.28 -20.51 -31.47
C ASN B 144 0.58 -21.79 -32.23
N GLU B 145 -0.05 -21.98 -33.39
CA GLU B 145 0.12 -23.22 -34.16
C GLU B 145 1.58 -23.46 -34.52
N ASN B 146 2.28 -22.42 -34.96
CA ASN B 146 3.66 -22.59 -35.39
C ASN B 146 4.60 -23.00 -34.28
N CYS B 147 4.10 -23.15 -33.04
CA CYS B 147 4.92 -23.43 -31.87
C CYS B 147 5.75 -22.22 -31.45
N GLU B 148 5.33 -21.02 -31.84
CA GLU B 148 5.99 -19.83 -31.34
C GLU B 148 5.60 -19.57 -29.88
N LEU B 149 6.56 -19.06 -29.12
CA LEU B 149 6.39 -18.84 -27.68
C LEU B 149 6.63 -17.37 -27.36
N LYS B 150 5.77 -16.81 -26.52
CA LYS B 150 5.87 -15.43 -26.09
C LYS B 150 5.71 -15.36 -24.58
N ILE B 151 6.64 -14.71 -23.92
CA ILE B 151 6.53 -14.50 -22.48
C ILE B 151 5.54 -13.37 -22.24
N GLY B 152 4.68 -13.53 -21.23
CA GLY B 152 3.75 -12.47 -20.92
C GLY B 152 3.63 -12.18 -19.44
N ASP B 153 2.64 -11.37 -19.07
CA ASP B 153 2.32 -11.12 -17.66
C ASP B 153 3.52 -10.64 -16.86
N PHE B 154 3.89 -9.37 -17.01
CA PHE B 154 5.05 -8.82 -16.32
C PHE B 154 4.69 -8.09 -15.03
N GLY B 155 3.43 -8.17 -14.59
CA GLY B 155 3.02 -7.45 -13.39
C GLY B 155 3.98 -7.61 -12.23
N MET B 156 4.56 -8.80 -12.10
CA MET B 156 5.44 -9.11 -10.98
C MET B 156 6.91 -8.82 -11.27
N ALA B 157 7.23 -8.23 -12.40
CA ALA B 157 8.62 -8.07 -12.80
C ALA B 157 9.27 -6.90 -12.07
N ARG B 158 10.53 -7.10 -11.67
CA ARG B 158 11.25 -6.13 -10.87
C ARG B 158 12.66 -5.96 -11.43
N GLY B 159 13.40 -5.05 -10.80
CA GLY B 159 14.75 -4.71 -11.20
C GLY B 159 15.77 -5.22 -10.21
N LEU B 160 17.02 -4.86 -10.47
CA LEU B 160 18.12 -5.46 -9.72
C LEU B 160 18.28 -4.85 -8.34
N CYS B 161 17.98 -3.56 -8.18
CA CYS B 161 18.19 -2.88 -6.92
C CYS B 161 17.09 -3.22 -5.91
N GLU B 173 8.33 -16.05 -0.70
CA GLU B 173 7.20 -16.87 -0.27
C GLU B 173 5.90 -16.39 -0.91
N THR B 177 1.46 -18.79 -6.93
CA THR B 177 2.06 -20.11 -7.03
C THR B 177 3.48 -20.15 -6.49
N ARG B 178 3.69 -20.98 -5.47
CA ARG B 178 5.03 -21.28 -5.00
C ARG B 178 5.74 -22.31 -5.86
N TRP B 179 5.04 -22.90 -6.83
CA TRP B 179 5.60 -24.03 -7.59
C TRP B 179 6.84 -23.64 -8.36
N TYR B 180 6.93 -22.40 -8.86
CA TYR B 180 8.07 -21.97 -9.65
C TYR B 180 8.89 -20.89 -8.97
N ARG B 181 8.62 -20.60 -7.69
CA ARG B 181 9.31 -19.55 -6.97
C ARG B 181 10.75 -19.94 -6.65
N ALA B 182 11.70 -19.08 -7.00
CA ALA B 182 13.09 -19.38 -6.74
C ALA B 182 13.33 -19.54 -5.23
N PRO B 183 14.25 -20.43 -4.83
CA PRO B 183 14.52 -20.59 -3.39
C PRO B 183 14.86 -19.29 -2.67
N GLU B 184 15.57 -18.37 -3.32
CA GLU B 184 15.96 -17.14 -2.65
C GLU B 184 14.76 -16.31 -2.21
N LEU B 185 13.61 -16.47 -2.85
CA LEU B 185 12.40 -15.76 -2.43
C LEU B 185 11.64 -16.50 -1.34
N MET B 186 11.54 -17.84 -1.45
CA MET B 186 10.95 -18.61 -0.37
C MET B 186 11.65 -18.31 0.95
N LEU B 187 12.97 -18.18 0.92
CA LEU B 187 13.78 -18.08 2.13
C LEU B 187 14.36 -16.70 2.38
N SER B 188 13.95 -15.70 1.61
CA SER B 188 14.45 -14.33 1.74
C SER B 188 15.97 -14.32 1.93
N LEU B 189 16.68 -14.88 0.94
CA LEU B 189 18.12 -14.98 1.01
C LEU B 189 18.82 -13.67 0.68
N HIS B 190 18.06 -12.61 0.42
CA HIS B 190 18.61 -11.27 0.20
C HIS B 190 19.66 -11.26 -0.91
N GLU B 191 19.47 -12.13 -1.90
CA GLU B 191 20.25 -12.18 -3.13
C GLU B 191 19.23 -12.30 -4.26
N TYR B 192 18.86 -11.18 -4.89
CA TYR B 192 17.75 -11.14 -5.84
C TYR B 192 18.29 -10.69 -7.20
N THR B 193 18.65 -11.67 -8.04
CA THR B 193 19.19 -11.39 -9.36
C THR B 193 18.36 -12.13 -10.40
N GLN B 194 18.79 -12.01 -11.68
CA GLN B 194 18.09 -12.69 -12.77
C GLN B 194 18.05 -14.20 -12.56
N ALA B 195 18.94 -14.73 -11.73
CA ALA B 195 18.92 -16.16 -11.45
C ALA B 195 17.55 -16.61 -10.97
N ILE B 196 16.79 -15.73 -10.32
CA ILE B 196 15.41 -16.01 -9.95
C ILE B 196 14.72 -16.69 -11.12
N ASP B 197 14.63 -15.99 -12.26
CA ASP B 197 13.91 -16.52 -13.41
C ASP B 197 14.43 -17.90 -13.82
N LEU B 198 15.74 -18.09 -13.75
CA LEU B 198 16.28 -19.36 -14.25
C LEU B 198 15.72 -20.51 -13.43
N TRP B 199 15.59 -20.33 -12.11
CA TRP B 199 14.95 -21.36 -11.29
C TRP B 199 13.62 -21.76 -11.89
N SER B 200 12.76 -20.78 -12.19
CA SER B 200 11.46 -21.12 -12.74
C SER B 200 11.63 -21.89 -14.04
N VAL B 201 12.57 -21.46 -14.89
CA VAL B 201 12.83 -22.16 -16.13
C VAL B 201 13.08 -23.63 -15.83
N GLY B 202 13.96 -23.89 -14.86
CA GLY B 202 14.20 -25.28 -14.51
C GLY B 202 12.91 -26.02 -14.24
N CYS B 203 12.09 -25.46 -13.36
CA CYS B 203 10.81 -26.11 -13.06
C CYS B 203 10.02 -26.35 -14.34
N ILE B 204 9.86 -25.31 -15.15
CA ILE B 204 9.08 -25.47 -16.37
C ILE B 204 9.73 -26.51 -17.27
N PHE B 205 11.06 -26.48 -17.35
CA PHE B 205 11.76 -27.48 -18.13
C PHE B 205 11.37 -28.88 -17.66
N GLY B 206 11.53 -29.15 -16.36
CA GLY B 206 11.15 -30.44 -15.83
C GLY B 206 9.69 -30.74 -16.08
N GLU B 207 8.84 -29.73 -15.97
CA GLU B 207 7.42 -29.97 -16.22
C GLU B 207 7.19 -30.42 -17.65
N MET B 208 7.97 -29.89 -18.60
CA MET B 208 7.86 -30.37 -19.97
C MET B 208 8.37 -31.80 -20.10
N LEU B 209 9.43 -32.13 -19.38
CA LEU B 209 10.00 -33.47 -19.52
C LEU B 209 8.99 -34.55 -19.13
N ALA B 210 8.44 -34.46 -17.91
CA ALA B 210 7.52 -35.45 -17.42
C ALA B 210 6.05 -35.09 -17.65
N ARG B 211 5.77 -33.94 -18.27
CA ARG B 211 4.40 -33.44 -18.39
C ARG B 211 3.69 -33.48 -17.04
N ARG B 212 4.39 -33.05 -16.00
CA ARG B 212 3.80 -32.89 -14.67
C ARG B 212 4.61 -31.87 -13.89
N GLN B 213 3.92 -31.11 -13.04
CA GLN B 213 4.61 -30.12 -12.23
C GLN B 213 5.70 -30.79 -11.40
N LEU B 214 6.81 -30.10 -11.21
CA LEU B 214 7.93 -30.72 -10.50
C LEU B 214 7.79 -30.60 -8.99
N PHE B 215 7.45 -29.42 -8.50
CA PHE B 215 7.38 -29.16 -7.05
C PHE B 215 6.06 -28.48 -6.74
N PRO B 216 4.95 -29.23 -6.74
CA PRO B 216 3.63 -28.63 -6.49
C PRO B 216 3.28 -28.62 -5.00
N GLY B 217 4.07 -27.89 -4.21
CA GLY B 217 3.80 -27.80 -2.79
C GLY B 217 2.40 -27.26 -2.55
N LYS B 218 1.69 -27.90 -1.62
CA LYS B 218 0.36 -27.42 -1.24
C LYS B 218 0.39 -26.25 -0.27
N ASN B 219 1.54 -25.96 0.33
CA ASN B 219 1.68 -24.85 1.27
C ASN B 219 3.16 -24.49 1.35
N TYR B 220 3.47 -23.43 2.08
CA TYR B 220 4.85 -22.96 2.19
C TYR B 220 5.78 -24.10 2.62
N VAL B 221 5.47 -24.71 3.77
CA VAL B 221 6.34 -25.75 4.31
C VAL B 221 6.37 -26.95 3.38
N HIS B 222 5.21 -27.35 2.86
CA HIS B 222 5.19 -28.46 1.91
C HIS B 222 6.04 -28.15 0.69
N GLN B 223 5.98 -26.91 0.19
CA GLN B 223 6.79 -26.51 -0.95
C GLN B 223 8.28 -26.69 -0.65
N LEU B 224 8.73 -26.14 0.48
CA LEU B 224 10.12 -26.33 0.86
C LEU B 224 10.47 -27.81 0.94
N GLN B 225 9.56 -28.62 1.49
CA GLN B 225 9.86 -30.04 1.63
C GLN B 225 10.01 -30.71 0.26
N LEU B 226 9.14 -30.39 -0.69
CA LEU B 226 9.26 -30.98 -2.02
C LEU B 226 10.58 -30.61 -2.67
N ILE B 227 10.90 -29.31 -2.72
CA ILE B 227 12.20 -28.89 -3.26
C ILE B 227 13.34 -29.67 -2.62
N MET B 228 13.28 -29.85 -1.31
CA MET B 228 14.43 -30.47 -0.64
C MET B 228 14.50 -31.97 -0.90
N MET B 229 13.35 -32.63 -1.08
CA MET B 229 13.36 -34.07 -1.27
C MET B 229 14.20 -34.47 -2.46
N VAL B 230 14.37 -33.56 -3.42
CA VAL B 230 15.16 -33.83 -4.62
C VAL B 230 16.53 -33.18 -4.49
N LEU B 231 16.55 -31.87 -4.26
CA LEU B 231 17.86 -31.21 -4.23
C LEU B 231 18.64 -31.47 -2.94
N GLY B 232 18.03 -32.14 -1.96
CA GLY B 232 18.68 -32.37 -0.70
C GLY B 232 18.69 -31.12 0.16
N THR B 233 19.06 -31.31 1.42
CA THR B 233 19.07 -30.21 2.35
C THR B 233 20.08 -29.16 1.90
N PRO B 234 19.69 -27.89 1.80
CA PRO B 234 20.65 -26.86 1.39
C PRO B 234 21.86 -26.81 2.30
N SER B 235 22.90 -26.15 1.80
CA SER B 235 24.21 -26.18 2.43
C SER B 235 24.28 -25.22 3.62
N PRO B 236 25.33 -25.35 4.43
CA PRO B 236 25.57 -24.39 5.51
C PRO B 236 25.35 -22.94 5.09
N ALA B 237 26.00 -22.50 4.01
CA ALA B 237 25.93 -21.10 3.62
C ALA B 237 24.50 -20.66 3.34
N VAL B 238 23.73 -21.48 2.60
CA VAL B 238 22.35 -21.12 2.29
C VAL B 238 21.56 -20.91 3.56
N ILE B 239 21.53 -21.93 4.43
CA ILE B 239 20.83 -21.82 5.71
C ILE B 239 21.28 -20.59 6.47
N GLN B 240 22.60 -20.33 6.48
CA GLN B 240 23.14 -19.16 7.15
C GLN B 240 22.62 -17.87 6.54
N ALA B 241 22.22 -17.90 5.27
CA ALA B 241 21.66 -16.72 4.60
C ALA B 241 20.15 -16.60 4.77
N VAL B 242 19.50 -17.59 5.37
CA VAL B 242 18.06 -17.55 5.55
C VAL B 242 17.64 -16.36 6.39
N GLY B 243 16.56 -15.69 5.99
CA GLY B 243 16.16 -14.46 6.65
C GLY B 243 15.54 -14.68 8.01
N ALA B 244 14.52 -15.53 8.08
CA ALA B 244 13.72 -15.73 9.28
C ALA B 244 14.34 -16.81 10.17
N GLU B 245 14.70 -16.45 11.40
CA GLU B 245 15.35 -17.38 12.30
C GLU B 245 14.60 -18.70 12.42
N ARG B 246 13.26 -18.66 12.37
CA ARG B 246 12.49 -19.89 12.52
C ARG B 246 12.62 -20.80 11.30
N VAL B 247 12.60 -20.22 10.09
CA VAL B 247 12.79 -21.05 8.89
C VAL B 247 14.19 -21.66 8.90
N ARG B 248 15.19 -20.85 9.23
CA ARG B 248 16.55 -21.35 9.39
C ARG B 248 16.55 -22.55 10.35
N ALA B 249 15.95 -22.39 11.53
CA ALA B 249 15.96 -23.43 12.54
C ALA B 249 15.26 -24.68 12.03
N TYR B 250 14.08 -24.52 11.44
CA TYR B 250 13.37 -25.68 10.91
C TYR B 250 14.21 -26.41 9.86
N ILE B 251 14.82 -25.67 8.95
CA ILE B 251 15.58 -26.31 7.88
C ILE B 251 16.73 -27.11 8.46
N GLN B 252 17.46 -26.54 9.43
CA GLN B 252 18.53 -27.35 10.01
C GLN B 252 17.99 -28.50 10.84
N SER B 253 16.81 -28.34 11.44
CA SER B 253 16.25 -29.49 12.15
C SER B 253 15.78 -30.56 11.21
N LEU B 254 16.09 -30.40 9.93
CA LEU B 254 15.64 -31.60 9.24
C LEU B 254 16.80 -32.55 9.07
N PRO B 255 16.56 -33.85 9.23
CA PRO B 255 17.61 -34.83 8.98
C PRO B 255 18.25 -34.58 7.62
N PRO B 256 19.58 -34.47 7.58
CA PRO B 256 20.26 -34.22 6.30
C PRO B 256 19.78 -35.16 5.20
N ARG B 257 19.70 -34.63 3.98
CA ARG B 257 19.25 -35.41 2.84
C ARG B 257 20.08 -35.05 1.62
N GLN B 258 20.46 -36.06 0.85
CA GLN B 258 21.38 -35.94 -0.28
C GLN B 258 20.62 -35.47 -1.52
N PRO B 259 21.28 -34.78 -2.44
CA PRO B 259 20.64 -34.42 -3.70
C PRO B 259 20.47 -35.67 -4.56
N VAL B 260 19.24 -35.89 -5.02
CA VAL B 260 18.93 -37.05 -5.85
C VAL B 260 19.33 -36.76 -7.29
N PRO B 261 20.06 -37.66 -7.96
CA PRO B 261 20.43 -37.40 -9.36
C PRO B 261 19.19 -37.19 -10.20
N TRP B 262 19.36 -36.41 -11.28
CA TRP B 262 18.22 -36.07 -12.13
C TRP B 262 17.80 -37.24 -13.01
N GLU B 263 18.74 -38.15 -13.31
CA GLU B 263 18.41 -39.36 -14.04
C GLU B 263 17.38 -40.22 -13.31
N THR B 264 17.28 -40.08 -11.99
CA THR B 264 16.28 -40.85 -11.26
C THR B 264 14.92 -40.18 -11.30
N VAL B 265 14.90 -38.84 -11.23
CA VAL B 265 13.65 -38.10 -11.31
C VAL B 265 13.00 -38.30 -12.69
N TYR B 266 13.81 -38.20 -13.75
CA TYR B 266 13.36 -38.33 -15.14
C TYR B 266 14.14 -39.45 -15.81
N PRO B 267 13.77 -40.71 -15.59
CA PRO B 267 14.63 -41.82 -16.03
C PRO B 267 14.82 -41.94 -17.54
N GLY B 268 13.78 -41.74 -18.35
CA GLY B 268 13.95 -41.89 -19.79
C GLY B 268 14.29 -40.65 -20.57
N ALA B 269 14.95 -39.68 -19.92
CA ALA B 269 15.14 -38.35 -20.47
C ALA B 269 16.47 -38.20 -21.22
N ASP B 270 16.46 -37.29 -22.18
CA ASP B 270 17.65 -36.92 -22.94
C ASP B 270 18.81 -36.52 -22.03
N ARG B 271 19.97 -37.13 -22.25
CA ARG B 271 21.15 -36.83 -21.44
C ARG B 271 21.39 -35.32 -21.37
N GLN B 272 21.41 -34.67 -22.53
CA GLN B 272 21.70 -33.24 -22.60
C GLN B 272 20.62 -32.43 -21.90
N ALA B 273 19.36 -32.84 -22.04
CA ALA B 273 18.28 -32.14 -21.35
C ALA B 273 18.52 -32.15 -19.85
N LEU B 274 18.90 -33.30 -19.29
CA LEU B 274 19.15 -33.36 -17.86
C LEU B 274 20.43 -32.62 -17.48
N SER B 275 21.41 -32.57 -18.38
CA SER B 275 22.59 -31.75 -18.13
C SER B 275 22.18 -30.30 -17.92
N LEU B 276 21.47 -29.72 -18.90
CA LEU B 276 21.00 -28.35 -18.76
C LEU B 276 20.17 -28.18 -17.48
N LEU B 277 19.16 -29.03 -17.31
CA LEU B 277 18.30 -28.94 -16.14
C LEU B 277 19.12 -28.85 -14.87
N GLY B 278 20.08 -29.75 -14.71
CA GLY B 278 20.90 -29.73 -13.51
C GLY B 278 21.71 -28.46 -13.37
N ARG B 279 22.12 -27.87 -14.50
CA ARG B 279 22.80 -26.59 -14.40
C ARG B 279 21.85 -25.47 -13.98
N MET B 280 20.54 -25.66 -14.11
CA MET B 280 19.65 -24.58 -13.72
C MET B 280 19.21 -24.69 -12.25
N LEU B 281 18.77 -25.87 -11.82
CA LEU B 281 18.16 -26.03 -10.50
C LEU B 281 19.24 -26.21 -9.43
N ARG B 282 19.67 -25.10 -8.85
CA ARG B 282 20.61 -25.12 -7.74
C ARG B 282 20.12 -24.14 -6.69
N PHE B 283 20.43 -24.41 -5.43
CA PHE B 283 19.98 -23.54 -4.35
C PHE B 283 20.59 -22.15 -4.47
N GLU B 284 21.91 -22.07 -4.62
CA GLU B 284 22.60 -20.79 -4.68
C GLU B 284 22.27 -20.07 -5.98
N PRO B 285 21.70 -18.86 -5.94
CA PRO B 285 21.49 -18.12 -7.20
C PRO B 285 22.76 -17.98 -8.03
N SER B 286 23.90 -17.63 -7.41
CA SER B 286 25.13 -17.42 -8.16
C SER B 286 25.59 -18.66 -8.90
N ALA B 287 25.18 -19.85 -8.45
CA ALA B 287 25.63 -21.09 -9.07
C ALA B 287 24.81 -21.47 -10.29
N ARG B 288 23.73 -20.77 -10.58
CA ARG B 288 22.89 -21.14 -11.70
C ARG B 288 23.47 -20.58 -13.00
N ILE B 289 23.10 -21.21 -14.10
CA ILE B 289 23.49 -20.77 -15.43
C ILE B 289 22.59 -19.60 -15.85
N SER B 290 23.17 -18.64 -16.54
CA SER B 290 22.39 -17.55 -17.13
C SER B 290 21.66 -18.04 -18.38
N ALA B 291 20.64 -17.26 -18.77
CA ALA B 291 19.93 -17.55 -20.01
C ALA B 291 20.89 -17.51 -21.20
N ALA B 292 21.86 -16.58 -21.15
CA ALA B 292 22.84 -16.46 -22.22
C ALA B 292 23.64 -17.75 -22.38
N ALA B 293 24.21 -18.24 -21.27
CA ALA B 293 24.98 -19.48 -21.33
C ALA B 293 24.08 -20.68 -21.63
N ALA B 294 22.83 -20.65 -21.15
CA ALA B 294 21.90 -21.74 -21.45
C ALA B 294 21.68 -21.86 -22.95
N LEU B 295 21.66 -20.73 -23.67
CA LEU B 295 21.50 -20.78 -25.11
C LEU B 295 22.70 -21.42 -25.80
N ARG B 296 23.86 -21.48 -25.13
CA ARG B 296 25.07 -22.10 -25.67
C ARG B 296 25.23 -23.56 -25.26
N HIS B 297 24.32 -24.11 -24.45
CA HIS B 297 24.44 -25.50 -24.02
C HIS B 297 24.20 -26.44 -25.21
N PRO B 298 24.86 -27.61 -25.22
CA PRO B 298 24.59 -28.59 -26.28
C PRO B 298 23.11 -28.84 -26.53
N PHE B 299 22.31 -28.98 -25.47
CA PHE B 299 20.90 -29.31 -25.66
C PHE B 299 20.18 -28.35 -26.60
N LEU B 300 20.71 -27.14 -26.81
CA LEU B 300 20.09 -26.16 -27.67
C LEU B 300 20.91 -25.82 -28.90
N ALA B 301 21.94 -26.61 -29.21
CA ALA B 301 22.72 -26.38 -30.42
C ALA B 301 21.85 -26.37 -31.68
N LYS B 302 20.77 -27.16 -31.68
CA LYS B 302 19.90 -27.25 -32.85
C LYS B 302 19.45 -25.88 -33.34
N TYR B 303 19.20 -24.93 -32.43
CA TYR B 303 18.68 -23.62 -32.81
C TYR B 303 19.64 -22.47 -32.52
N HIS B 304 20.71 -22.71 -31.76
CA HIS B 304 21.60 -21.65 -31.35
C HIS B 304 22.11 -20.86 -32.55
N ASP B 305 22.09 -19.54 -32.42
CA ASP B 305 22.58 -18.62 -33.43
C ASP B 305 22.99 -17.34 -32.71
N PRO B 306 24.30 -17.10 -32.57
CA PRO B 306 24.74 -15.92 -31.80
C PRO B 306 24.39 -14.60 -32.48
N ASP B 307 24.19 -14.60 -33.81
CA ASP B 307 23.78 -13.42 -34.54
C ASP B 307 22.27 -13.19 -34.47
N ASP B 308 21.56 -13.99 -33.67
CA ASP B 308 20.10 -13.85 -33.59
C ASP B 308 19.58 -13.93 -32.16
N GLU B 309 20.41 -13.65 -31.16
CA GLU B 309 20.00 -13.73 -29.76
C GLU B 309 20.37 -12.44 -29.04
N PRO B 310 19.64 -11.37 -29.32
CA PRO B 310 20.10 -10.04 -28.94
C PRO B 310 19.92 -9.72 -27.47
N ASP B 311 20.81 -8.88 -26.96
CA ASP B 311 20.61 -8.19 -25.70
C ASP B 311 19.62 -7.05 -25.93
N CYS B 312 19.32 -6.32 -24.86
CA CYS B 312 18.43 -5.17 -24.92
C CYS B 312 19.15 -3.98 -24.31
N ALA B 313 19.23 -2.87 -25.05
CA ALA B 313 19.79 -1.64 -24.55
C ALA B 313 18.89 -0.48 -24.96
N PRO B 314 18.76 0.53 -24.12
CA PRO B 314 19.34 0.63 -22.77
C PRO B 314 18.62 -0.29 -21.82
N PRO B 315 19.21 -0.53 -20.66
CA PRO B 315 18.51 -1.28 -19.61
C PRO B 315 17.23 -0.58 -19.21
N PHE B 316 16.38 -1.30 -18.49
CA PHE B 316 15.11 -0.73 -18.05
C PHE B 316 15.25 -0.17 -16.64
N ASP B 317 14.85 1.08 -16.48
CA ASP B 317 14.95 1.78 -15.21
C ASP B 317 13.63 1.70 -14.46
N PHE B 318 13.68 1.17 -13.24
CA PHE B 318 12.50 1.04 -12.41
C PHE B 318 12.28 2.25 -11.50
N ALA B 319 12.98 3.36 -11.72
CA ALA B 319 12.86 4.51 -10.83
C ALA B 319 11.41 4.95 -10.65
N PHE B 320 10.67 5.02 -11.75
CA PHE B 320 9.25 5.38 -11.68
C PHE B 320 8.48 4.46 -10.74
N ASP B 321 8.90 3.20 -10.62
CA ASP B 321 8.14 2.24 -9.81
C ASP B 321 8.46 2.35 -8.33
N ARG B 322 9.69 2.71 -7.99
CA ARG B 322 10.05 2.74 -6.58
C ARG B 322 9.51 3.99 -5.89
N GLU B 323 9.51 5.13 -6.59
CA GLU B 323 9.02 6.36 -5.98
C GLU B 323 7.53 6.23 -5.66
N ALA B 324 7.14 6.74 -4.49
CA ALA B 324 5.76 6.72 -4.04
C ALA B 324 4.92 7.72 -4.85
N LEU B 325 3.97 7.21 -5.62
CA LEU B 325 3.06 8.04 -6.39
C LEU B 325 1.67 7.98 -5.77
N THR B 326 1.01 9.13 -5.68
CA THR B 326 -0.40 9.16 -5.34
C THR B 326 -1.19 8.35 -6.37
N ARG B 327 -2.41 7.99 -6.01
CA ARG B 327 -3.30 7.40 -7.00
C ARG B 327 -3.37 8.28 -8.24
N GLU B 328 -3.50 9.59 -8.05
CA GLU B 328 -3.63 10.51 -9.17
C GLU B 328 -2.38 10.54 -10.03
N ARG B 329 -1.21 10.67 -9.41
CA ARG B 329 0.01 10.74 -10.21
C ARG B 329 0.25 9.44 -11.00
N ILE B 330 -0.14 8.30 -10.42
CA ILE B 330 -0.08 7.05 -11.16
C ILE B 330 -1.01 7.10 -12.37
N LYS B 331 -2.25 7.56 -12.15
CA LYS B 331 -3.18 7.73 -13.25
C LYS B 331 -2.60 8.66 -14.32
N GLU B 332 -2.02 9.77 -13.91
CA GLU B 332 -1.37 10.70 -14.85
C GLU B 332 -0.32 9.98 -15.65
N ALA B 333 0.55 9.22 -14.99
CA ALA B 333 1.61 8.52 -15.69
C ALA B 333 1.05 7.50 -16.68
N ILE B 334 -0.04 6.82 -16.30
CA ILE B 334 -0.65 5.83 -17.19
C ILE B 334 -1.19 6.51 -18.45
N VAL B 335 -1.90 7.63 -18.26
CA VAL B 335 -2.45 8.34 -19.41
C VAL B 335 -1.31 8.87 -20.29
N ALA B 336 -0.24 9.35 -19.67
CA ALA B 336 0.93 9.80 -20.43
C ALA B 336 1.51 8.66 -21.25
N GLU B 337 1.52 7.45 -20.69
CA GLU B 337 1.99 6.29 -21.44
C GLU B 337 1.10 6.01 -22.63
N ILE B 338 -0.23 6.08 -22.44
CA ILE B 338 -1.15 5.85 -23.55
C ILE B 338 -0.87 6.83 -24.69
N GLU B 339 -0.83 8.12 -24.35
CA GLU B 339 -0.60 9.15 -25.36
C GLU B 339 0.77 8.97 -26.02
N ASP B 340 1.80 8.67 -25.23
CA ASP B 340 3.12 8.43 -25.79
C ASP B 340 3.10 7.28 -26.79
N PHE B 341 2.45 6.18 -26.43
CA PHE B 341 2.33 5.06 -27.37
C PHE B 341 1.68 5.53 -28.65
N HIS B 342 0.58 6.28 -28.54
CA HIS B 342 -0.06 6.79 -29.75
C HIS B 342 0.77 7.85 -30.48
N ALA B 343 1.86 8.32 -29.90
CA ALA B 343 2.73 9.28 -30.59
C ALA B 343 3.90 8.60 -31.30
N ARG B 344 4.08 7.29 -31.15
CA ARG B 344 5.13 6.56 -31.85
C ARG B 344 4.57 5.27 -32.42
N ARG B 345 3.45 5.37 -33.12
CA ARG B 345 2.73 4.20 -33.59
C ARG B 345 3.15 3.85 -35.01
#